data_8S8T
#
_entry.id   8S8T
#
_cell.length_a   111.552
_cell.length_b   149.297
_cell.length_c   66.216
_cell.angle_alpha   90.000
_cell.angle_beta   90.000
_cell.angle_gamma   90.000
#
_symmetry.space_group_name_H-M   'P 21 21 2'
#
loop_
_entity.id
_entity.type
_entity.pdbx_description
1 polymer 'DNA polymerase'
2 polymer "DNA (5'-D(*GP*AP*CP*CP*AP*CP*GP*GP*CP*CP*AP*CP*A)-3')"
3 polymer "DNA (5'-D(*AP*CP*TP*GP*TP*GP*GP*CP*CP*GP*TP*GP*GP*TP*C)-3')"
4 non-polymer 'MAGNESIUM ION'
5 non-polymer 1,2-ETHANEDIOL
6 non-polymer GLYCEROL
7 water water
#
loop_
_entity_poly.entity_id
_entity_poly.type
_entity_poly.pdbx_seq_one_letter_code
_entity_poly.pdbx_strand_id
1 'polypeptide(L)'
;MILDTDYITEDGKPVIRIFKKENGEFKIEYDRTFEPYFYALLKDDSAIEEVKKITAERHGTVVTVKRVEKVQKKFLGRPV
EVWKLYFTHPQDQPAIRDKIREHPAVIDIYEYDTPFAKRYLIDKGLVPMEGDEELKMLAFAIATLYHEGEEFAEGPILMI
SYADEEGARVITWKNVDLPYVDVVSTEREMIKRFLRVVKEKDPDVLITYNGDNFDFAYLKKRCEKLGINFALGRDGSEPK
IQRMGDRFAVEVKGRIHFDLYPVIRRTINLPTYTLEAVYEAVFGQPKEKVYAEEITTAWETGENLERVARYSMEDAKVTY
ELGKEFLPMEAQLSRLIGQSLWDVSRSSTGNLVEWFLLRKAYERNELAPNKPDEKELARRRQKYEGGYVKEPERGLWENI
VYLDFRSLYPSIIITHNVSPDTLNREGCGEYDVAPQVGHRFCKDLPGFIPSLLGDLLEERQKIKKKMKATIDPIERKLLD
YRQRLIKILANSVYGHMGFENARWYCKECAESVTAWGREYLTMTIKEIEEKYGFKVIYSDTDGFFATIPGADAETVKKKA
MEFLKYINAKLPGALELEYEGFYKRGFFVTKKKYAVIDEEGKITTRGLEIVRRDWSEIAKETQARVLEALLKDGDVEKAV
RIVKEVTEKLSKYEVPPEKLVIHKQITRDLKDYKATGPHVAVAKRLAARGVKIRPGTVISYIVLKGSGRIGDRAIPFDEF
DPTKHRYDAEYYIEKQVLPAVERILRAFGYRKEDLRYQKTRQVGLSAWLKPKGT
;
A
2 'polydeoxyribonucleotide' (DG)(DA)(DC)(DC)(DA)(DC)(DG)(DG)(DC)(DC)(DA)(DC)(DA) P
3 'polydeoxyribonucleotide' (DA)(DA)(DC)(DT)(DG)(DT)(DG)(DG)(DC)(DC)(DG)(DT)(DG)(DG)(DT)(DC) T
#
loop_
_chem_comp.id
_chem_comp.type
_chem_comp.name
_chem_comp.formula
DA DNA linking 2'-DEOXYADENOSINE-5'-MONOPHOSPHATE 'C10 H14 N5 O6 P'
DC DNA linking 2'-DEOXYCYTIDINE-5'-MONOPHOSPHATE 'C9 H14 N3 O7 P'
DG DNA linking 2'-DEOXYGUANOSINE-5'-MONOPHOSPHATE 'C10 H14 N5 O7 P'
DT DNA linking THYMIDINE-5'-MONOPHOSPHATE 'C10 H15 N2 O8 P'
EDO non-polymer 1,2-ETHANEDIOL 'C2 H6 O2'
GOL non-polymer GLYCEROL 'C3 H8 O3'
MG non-polymer 'MAGNESIUM ION' 'Mg 2'
#
# COMPACT_ATOMS: atom_id res chain seq x y z
N MET A 1 23.82 -8.78 -7.20
CA MET A 1 22.55 -8.36 -6.63
C MET A 1 21.71 -9.57 -6.26
N ILE A 2 21.34 -9.69 -4.98
CA ILE A 2 20.43 -10.75 -4.55
C ILE A 2 19.03 -10.43 -5.06
N LEU A 3 18.34 -11.45 -5.56
CA LEU A 3 17.04 -11.31 -6.21
C LEU A 3 15.92 -12.04 -5.50
N ASP A 4 16.24 -13.08 -4.72
CA ASP A 4 15.29 -13.87 -3.95
C ASP A 4 16.08 -14.97 -3.27
N THR A 5 15.44 -15.65 -2.33
CA THR A 5 15.99 -16.86 -1.73
C THR A 5 14.89 -17.90 -1.57
N ASP A 6 15.27 -19.17 -1.63
CA ASP A 6 14.38 -20.24 -1.22
C ASP A 6 15.24 -21.39 -0.72
N TYR A 7 14.69 -22.58 -0.70
CA TYR A 7 15.47 -23.75 -0.32
C TYR A 7 14.87 -24.98 -0.98
N ILE A 8 15.74 -25.93 -1.32
CA ILE A 8 15.32 -27.23 -1.80
C ILE A 8 15.76 -28.26 -0.76
N THR A 9 15.42 -29.52 -0.99
CA THR A 9 15.80 -30.60 -0.09
C THR A 9 16.73 -31.55 -0.82
N GLU A 10 17.74 -32.03 -0.12
CA GLU A 10 18.71 -32.98 -0.68
C GLU A 10 19.01 -34.01 0.39
N ASP A 11 18.56 -35.25 0.16
CA ASP A 11 18.70 -36.32 1.13
C ASP A 11 18.21 -35.88 2.50
N GLY A 12 17.05 -35.22 2.54
CA GLY A 12 16.41 -34.81 3.77
C GLY A 12 16.85 -33.47 4.33
N LYS A 13 18.06 -32.99 3.96
CA LYS A 13 18.64 -31.79 4.55
C LYS A 13 18.35 -30.58 3.67
N PRO A 14 17.96 -29.44 4.23
CA PRO A 14 17.60 -28.30 3.39
C PRO A 14 18.84 -27.58 2.85
N VAL A 15 18.66 -26.95 1.70
CA VAL A 15 19.74 -26.26 0.99
C VAL A 15 19.23 -24.89 0.56
N ILE A 16 19.72 -23.83 1.19
CA ILE A 16 19.34 -22.48 0.80
C ILE A 16 19.89 -22.17 -0.59
N ARG A 17 19.05 -21.58 -1.44
CA ARG A 17 19.47 -21.09 -2.74
C ARG A 17 19.30 -19.57 -2.78
N ILE A 18 20.39 -18.87 -3.07
CA ILE A 18 20.37 -17.43 -3.25
C ILE A 18 20.42 -17.15 -4.74
N PHE A 19 19.35 -16.57 -5.28
CA PHE A 19 19.27 -16.24 -6.70
C PHE A 19 19.85 -14.86 -6.91
N LYS A 20 21.08 -14.80 -7.44
CA LYS A 20 21.80 -13.54 -7.60
C LYS A 20 21.90 -13.17 -9.08
N LYS A 21 22.29 -11.91 -9.30
CA LYS A 21 22.58 -11.37 -10.62
C LYS A 21 23.86 -10.56 -10.48
N GLU A 22 24.99 -11.16 -10.82
CA GLU A 22 26.31 -10.58 -10.58
C GLU A 22 27.07 -10.47 -11.89
N ASN A 23 27.60 -9.26 -12.15
CA ASN A 23 28.43 -8.98 -13.31
C ASN A 23 27.75 -9.41 -14.62
N GLY A 24 26.44 -9.16 -14.70
CA GLY A 24 25.68 -9.34 -15.92
C GLY A 24 24.98 -10.66 -16.08
N GLU A 25 25.32 -11.67 -15.28
CA GLU A 25 24.80 -13.01 -15.47
C GLU A 25 24.11 -13.52 -14.22
N PHE A 26 23.08 -14.33 -14.44
CA PHE A 26 22.36 -14.99 -13.35
C PHE A 26 23.22 -16.11 -12.77
N LYS A 27 23.17 -16.26 -11.44
CA LYS A 27 23.90 -17.33 -10.77
C LYS A 27 23.22 -17.68 -9.47
N ILE A 28 23.53 -18.87 -8.97
CA ILE A 28 22.86 -19.45 -7.80
C ILE A 28 23.93 -19.85 -6.79
N GLU A 29 23.89 -19.23 -5.61
CA GLU A 29 24.70 -19.65 -4.47
C GLU A 29 23.91 -20.66 -3.64
N TYR A 30 24.59 -21.70 -3.18
CA TYR A 30 23.97 -22.75 -2.39
C TYR A 30 24.60 -22.79 -1.00
N ASP A 31 23.78 -22.89 0.04
CA ASP A 31 24.24 -22.97 1.42
C ASP A 31 23.64 -24.20 2.08
N ARG A 32 24.49 -25.17 2.41
CA ARG A 32 24.06 -26.41 3.06
C ARG A 32 24.39 -26.43 4.55
N THR A 33 24.67 -25.27 5.14
CA THR A 33 25.07 -25.19 6.54
C THR A 33 24.03 -24.52 7.43
N PHE A 34 23.08 -23.79 6.86
CA PHE A 34 22.09 -23.07 7.65
C PHE A 34 21.11 -24.04 8.28
N GLU A 35 21.00 -23.98 9.62
CA GLU A 35 20.08 -24.86 10.33
C GLU A 35 18.83 -24.10 10.76
N PRO A 36 17.67 -24.75 10.75
CA PRO A 36 16.45 -24.11 11.26
C PRO A 36 16.32 -24.27 12.77
N TYR A 37 15.71 -23.26 13.39
CA TYR A 37 15.69 -23.19 14.85
C TYR A 37 14.52 -22.32 15.30
N PHE A 38 14.15 -22.49 16.56
CA PHE A 38 13.37 -21.50 17.29
C PHE A 38 13.73 -21.61 18.77
N TYR A 39 13.26 -20.63 19.55
CA TYR A 39 13.65 -20.50 20.95
C TYR A 39 12.55 -21.01 21.87
N ALA A 40 12.96 -21.36 23.09
CA ALA A 40 12.04 -21.85 24.11
C ALA A 40 12.48 -21.36 25.48
N LEU A 41 11.50 -20.97 26.31
CA LEU A 41 11.76 -20.43 27.64
C LEU A 41 11.34 -21.47 28.68
N LEU A 42 12.25 -21.83 29.56
CA LEU A 42 12.04 -22.91 30.52
C LEU A 42 11.93 -22.36 31.94
N LYS A 43 11.12 -23.05 32.76
CA LYS A 43 11.09 -22.78 34.19
C LYS A 43 12.47 -23.00 34.80
N ASP A 44 12.96 -24.24 34.71
CA ASP A 44 14.29 -24.62 35.14
C ASP A 44 14.99 -25.28 33.97
N ASP A 45 16.25 -24.89 33.72
CA ASP A 45 17.00 -25.40 32.57
C ASP A 45 17.12 -26.92 32.58
N SER A 46 16.92 -27.56 33.74
CA SER A 46 17.02 -29.02 33.82
C SER A 46 16.03 -29.70 32.89
N ALA A 47 14.90 -29.06 32.62
CA ALA A 47 13.86 -29.67 31.80
C ALA A 47 14.25 -29.82 30.33
N ILE A 48 15.42 -29.30 29.92
CA ILE A 48 15.82 -29.36 28.53
C ILE A 48 15.95 -30.80 28.05
N GLU A 49 16.18 -31.73 28.97
CA GLU A 49 16.36 -33.13 28.61
C GLU A 49 15.02 -33.79 28.32
N GLU A 50 13.97 -33.40 29.06
CA GLU A 50 12.63 -33.89 28.74
C GLU A 50 12.18 -33.38 27.37
N VAL A 51 12.52 -32.13 27.03
CA VAL A 51 12.02 -31.55 25.80
C VAL A 51 12.93 -31.84 24.61
N LYS A 52 14.23 -32.07 24.83
CA LYS A 52 15.09 -32.50 23.73
C LYS A 52 14.70 -33.87 23.21
N LYS A 53 13.84 -34.59 23.93
CA LYS A 53 13.31 -35.87 23.51
C LYS A 53 11.85 -35.79 23.05
N ILE A 54 11.33 -34.58 22.80
CA ILE A 54 9.98 -34.45 22.27
C ILE A 54 9.95 -34.98 20.84
N THR A 55 8.80 -35.53 20.46
CA THR A 55 8.66 -36.25 19.20
C THR A 55 7.31 -35.91 18.58
N ALA A 56 7.24 -36.01 17.26
CA ALA A 56 5.99 -35.76 16.55
C ALA A 56 6.06 -36.47 15.18
N GLU A 57 5.18 -36.06 14.27
CA GLU A 57 4.97 -36.83 13.04
C GLU A 57 4.69 -35.90 11.87
N ARG A 58 5.43 -36.09 10.78
CA ARG A 58 5.19 -35.42 9.51
C ARG A 58 5.69 -36.34 8.40
N HIS A 59 4.96 -36.41 7.29
CA HIS A 59 5.40 -37.14 6.11
C HIS A 59 5.73 -38.61 6.44
N GLY A 60 4.96 -39.19 7.35
CA GLY A 60 5.25 -40.56 7.75
C GLY A 60 6.61 -40.74 8.40
N THR A 61 7.27 -39.65 8.77
CA THR A 61 8.56 -39.68 9.43
C THR A 61 8.46 -38.96 10.77
N VAL A 62 9.26 -39.40 11.73
CA VAL A 62 9.24 -38.85 13.07
C VAL A 62 10.15 -37.63 13.12
N VAL A 63 9.57 -36.47 13.47
CA VAL A 63 10.36 -35.26 13.68
C VAL A 63 10.85 -35.25 15.13
N THR A 64 12.16 -35.07 15.30
CA THR A 64 12.77 -34.97 16.61
C THR A 64 13.62 -33.71 16.63
N VAL A 65 14.06 -33.32 17.83
CA VAL A 65 14.84 -32.11 18.01
C VAL A 65 16.32 -32.44 17.82
N LYS A 66 16.97 -31.76 16.88
CA LYS A 66 18.37 -32.04 16.55
C LYS A 66 19.26 -31.81 17.76
N ARG A 67 19.53 -30.55 18.09
CA ARG A 67 20.39 -30.21 19.22
C ARG A 67 19.85 -28.96 19.90
N VAL A 68 20.43 -28.63 21.05
CA VAL A 68 19.95 -27.52 21.86
C VAL A 68 21.15 -26.74 22.38
N GLU A 69 21.13 -25.42 22.17
CA GLU A 69 22.14 -24.52 22.67
C GLU A 69 21.50 -23.51 23.62
N LYS A 70 22.17 -23.24 24.74
CA LYS A 70 21.70 -22.23 25.68
C LYS A 70 22.38 -20.90 25.34
N VAL A 71 21.58 -19.87 25.06
CA VAL A 71 22.09 -18.57 24.69
C VAL A 71 21.44 -17.51 25.57
N GLN A 72 22.05 -16.32 25.58
CA GLN A 72 21.54 -15.17 26.31
C GLN A 72 21.21 -14.07 25.32
N LYS A 73 19.93 -13.70 25.24
CA LYS A 73 19.44 -12.60 24.44
C LYS A 73 18.73 -11.61 25.35
N LYS A 74 18.21 -10.55 24.76
CA LYS A 74 17.43 -9.55 25.49
C LYS A 74 15.96 -9.65 25.09
N PHE A 75 15.09 -9.43 26.07
CA PHE A 75 13.64 -9.44 25.83
C PHE A 75 13.06 -8.27 26.61
N LEU A 76 12.54 -7.28 25.87
CA LEU A 76 12.13 -6.00 26.46
C LEU A 76 13.33 -5.30 27.09
N GLY A 77 14.50 -5.42 26.45
CA GLY A 77 15.73 -4.86 26.98
C GLY A 77 16.27 -5.53 28.22
N ARG A 78 15.64 -6.62 28.67
CA ARG A 78 16.03 -7.33 29.88
C ARG A 78 16.88 -8.54 29.53
N PRO A 79 17.88 -8.88 30.36
CA PRO A 79 18.71 -10.05 30.05
C PRO A 79 17.95 -11.33 30.37
N VAL A 80 17.71 -12.14 29.33
CA VAL A 80 16.92 -13.35 29.46
C VAL A 80 17.72 -14.53 28.93
N GLU A 81 17.56 -15.69 29.56
CA GLU A 81 18.31 -16.89 29.25
C GLU A 81 17.40 -17.87 28.51
N VAL A 82 17.62 -18.03 27.21
CA VAL A 82 16.70 -18.78 26.36
C VAL A 82 17.42 -19.97 25.74
N TRP A 83 16.65 -21.00 25.40
CA TRP A 83 17.15 -22.26 24.85
C TRP A 83 16.88 -22.31 23.35
N LYS A 84 17.93 -22.48 22.57
CA LYS A 84 17.85 -22.52 21.11
C LYS A 84 17.67 -23.96 20.64
N LEU A 85 16.55 -24.23 19.98
CA LEU A 85 16.17 -25.58 19.56
C LEU A 85 16.39 -25.70 18.06
N TYR A 86 17.37 -26.51 17.66
CA TYR A 86 17.68 -26.75 16.26
C TYR A 86 16.91 -27.95 15.72
N PHE A 87 16.61 -27.91 14.42
CA PHE A 87 15.94 -29.00 13.74
C PHE A 87 16.66 -29.32 12.44
N THR A 88 16.36 -30.49 11.89
CA THR A 88 17.00 -30.92 10.65
C THR A 88 16.37 -30.25 9.43
N HIS A 89 15.05 -30.14 9.39
CA HIS A 89 14.37 -29.59 8.23
C HIS A 89 13.37 -28.52 8.65
N PRO A 90 13.21 -27.47 7.85
CA PRO A 90 12.22 -26.43 8.19
C PRO A 90 10.83 -26.97 8.52
N GLN A 91 10.34 -27.94 7.75
CA GLN A 91 9.01 -28.50 7.96
C GLN A 91 8.89 -29.28 9.27
N ASP A 92 9.99 -29.43 10.02
CA ASP A 92 9.90 -29.98 11.37
C ASP A 92 9.20 -29.01 12.32
N GLN A 93 9.43 -27.70 12.15
CA GLN A 93 8.93 -26.73 13.14
C GLN A 93 7.41 -26.74 13.25
N PRO A 94 6.63 -26.63 12.16
CA PRO A 94 5.17 -26.78 12.32
C PRO A 94 4.77 -28.09 12.98
N ALA A 95 5.42 -29.20 12.63
CA ALA A 95 5.00 -30.50 13.12
C ALA A 95 5.20 -30.65 14.62
N ILE A 96 6.13 -29.90 15.21
CA ILE A 96 6.52 -30.14 16.59
C ILE A 96 6.39 -28.92 17.50
N ARG A 97 6.26 -27.70 16.95
CA ARG A 97 6.27 -26.51 17.81
C ARG A 97 5.06 -26.49 18.74
N ASP A 98 3.87 -26.77 18.20
CA ASP A 98 2.67 -26.77 19.03
C ASP A 98 2.75 -27.82 20.13
N LYS A 99 3.38 -28.96 19.85
CA LYS A 99 3.58 -29.98 20.87
C LYS A 99 4.60 -29.53 21.91
N ILE A 100 5.53 -28.65 21.54
CA ILE A 100 6.51 -28.16 22.51
C ILE A 100 5.90 -27.13 23.44
N ARG A 101 5.08 -26.21 22.90
CA ARG A 101 4.46 -25.17 23.72
C ARG A 101 3.68 -25.75 24.89
N GLU A 102 3.09 -26.93 24.69
CA GLU A 102 2.22 -27.52 25.69
C GLU A 102 2.96 -28.32 26.75
N HIS A 103 4.29 -28.42 26.65
CA HIS A 103 5.03 -29.12 27.67
C HIS A 103 4.92 -28.38 29.00
N PRO A 104 4.88 -29.10 30.12
CA PRO A 104 4.76 -28.44 31.43
C PRO A 104 5.80 -27.36 31.68
N ALA A 105 7.06 -27.58 31.31
CA ALA A 105 8.16 -26.74 31.76
C ALA A 105 8.50 -25.62 30.80
N VAL A 106 7.70 -25.39 29.76
CA VAL A 106 7.97 -24.35 28.78
C VAL A 106 6.99 -23.20 29.03
N ILE A 107 7.55 -22.01 29.28
CA ILE A 107 6.72 -20.82 29.42
C ILE A 107 6.20 -20.39 28.04
N ASP A 108 7.07 -20.39 27.03
CA ASP A 108 6.70 -19.92 25.70
C ASP A 108 7.82 -20.25 24.72
N ILE A 109 7.43 -20.38 23.44
CA ILE A 109 8.39 -20.49 22.36
C ILE A 109 8.29 -19.24 21.50
N TYR A 110 9.42 -18.81 20.95
CA TYR A 110 9.50 -17.56 20.20
C TYR A 110 10.12 -17.79 18.84
N GLU A 111 9.76 -16.92 17.89
CA GLU A 111 10.32 -16.92 16.53
C GLU A 111 10.20 -18.29 15.89
N TYR A 112 9.08 -18.97 16.17
CA TYR A 112 8.83 -20.32 15.72
C TYR A 112 8.24 -20.41 14.32
N ASP A 113 7.84 -19.29 13.73
CA ASP A 113 7.08 -19.30 12.48
C ASP A 113 7.74 -18.46 11.39
N THR A 114 9.04 -18.20 11.50
CA THR A 114 9.71 -17.38 10.50
C THR A 114 10.12 -18.24 9.31
N PRO A 115 9.66 -17.91 8.09
CA PRO A 115 10.01 -18.73 6.92
C PRO A 115 11.52 -18.92 6.80
N PHE A 116 11.93 -20.17 6.61
CA PHE A 116 13.34 -20.57 6.57
C PHE A 116 14.20 -19.65 5.71
N ALA A 117 13.75 -19.40 4.47
CA ALA A 117 14.51 -18.59 3.53
C ALA A 117 14.50 -17.11 3.88
N LYS A 118 13.45 -16.62 4.53
CA LYS A 118 13.47 -15.24 5.01
C LYS A 118 14.36 -15.10 6.23
N ARG A 119 14.32 -16.08 7.11
CA ARG A 119 15.21 -16.23 8.25
C ARG A 119 16.67 -16.12 7.80
N TYR A 120 16.98 -16.73 6.65
CA TYR A 120 18.34 -16.71 6.12
C TYR A 120 18.77 -15.30 5.74
N LEU A 121 17.93 -14.57 4.99
CA LEU A 121 18.24 -13.18 4.67
C LEU A 121 18.53 -12.36 5.92
N ILE A 122 17.89 -12.69 7.04
CA ILE A 122 18.07 -11.91 8.27
C ILE A 122 19.31 -12.37 9.02
N ASP A 123 19.39 -13.66 9.32
CA ASP A 123 20.50 -14.21 10.10
C ASP A 123 21.83 -14.02 9.41
N LYS A 124 21.85 -13.93 8.09
CA LYS A 124 23.09 -13.67 7.36
C LYS A 124 23.28 -12.19 7.06
N GLY A 125 22.32 -11.34 7.40
CA GLY A 125 22.42 -9.92 7.15
C GLY A 125 22.69 -9.61 5.69
N LEU A 126 21.83 -10.13 4.82
CA LEU A 126 21.91 -9.92 3.38
C LEU A 126 20.75 -9.04 2.93
N VAL A 127 20.99 -8.27 1.86
CA VAL A 127 20.03 -7.28 1.39
C VAL A 127 19.69 -7.54 -0.05
N PRO A 128 18.41 -7.82 -0.37
CA PRO A 128 18.01 -7.90 -1.78
C PRO A 128 18.08 -6.54 -2.46
N MET A 129 18.45 -6.55 -3.76
CA MET A 129 18.41 -5.38 -4.64
C MET A 129 19.46 -4.33 -4.31
N GLU A 130 20.67 -4.77 -3.98
CA GLU A 130 21.77 -3.87 -3.66
C GLU A 130 22.84 -3.96 -4.75
N GLY A 131 23.19 -2.80 -5.33
CA GLY A 131 24.12 -2.75 -6.42
C GLY A 131 23.54 -2.04 -7.63
N ASP A 132 24.40 -1.63 -8.56
CA ASP A 132 23.96 -0.98 -9.79
C ASP A 132 23.46 -1.97 -10.82
N GLU A 133 23.49 -3.26 -10.53
CA GLU A 133 23.06 -4.30 -11.46
C GLU A 133 21.70 -3.97 -12.06
N GLU A 134 21.65 -3.71 -13.37
CA GLU A 134 20.37 -3.44 -14.02
C GLU A 134 19.69 -4.76 -14.35
N LEU A 135 18.36 -4.74 -14.29
CA LEU A 135 17.55 -5.94 -14.44
C LEU A 135 16.83 -5.92 -15.78
N LYS A 136 16.90 -7.03 -16.50
CA LYS A 136 16.17 -7.18 -17.74
C LYS A 136 14.74 -7.61 -17.43
N MET A 137 13.78 -6.92 -18.00
CA MET A 137 12.38 -7.16 -17.66
C MET A 137 11.57 -7.52 -18.90
N LEU A 138 10.36 -8.03 -18.64
CA LEU A 138 9.48 -8.52 -19.69
C LEU A 138 8.08 -8.58 -19.12
N ALA A 139 7.16 -7.84 -19.73
CA ALA A 139 5.75 -7.90 -19.38
C ALA A 139 5.04 -8.88 -20.29
N PHE A 140 3.91 -9.42 -19.81
CA PHE A 140 3.12 -10.29 -20.66
C PHE A 140 1.68 -10.29 -20.19
N ALA A 141 0.76 -10.28 -21.16
CA ALA A 141 -0.67 -10.45 -20.91
C ALA A 141 -1.21 -11.47 -21.90
N ILE A 142 -2.40 -11.99 -21.60
CA ILE A 142 -3.02 -13.01 -22.44
C ILE A 142 -4.45 -12.58 -22.76
N ALA A 143 -4.94 -13.10 -23.88
CA ALA A 143 -6.35 -13.02 -24.23
C ALA A 143 -6.97 -14.41 -24.11
N THR A 144 -8.26 -14.46 -23.85
CA THR A 144 -8.96 -15.71 -23.60
C THR A 144 -10.25 -15.73 -24.40
N LEU A 145 -10.84 -16.93 -24.48
CA LEU A 145 -12.14 -17.13 -25.10
C LEU A 145 -13.14 -17.31 -23.96
N TYR A 146 -13.93 -16.28 -23.68
CA TYR A 146 -14.86 -16.31 -22.58
C TYR A 146 -16.29 -16.52 -23.07
N HIS A 147 -16.99 -17.44 -22.44
CA HIS A 147 -18.43 -17.59 -22.58
C HIS A 147 -19.06 -17.58 -21.19
N GLU A 148 -20.24 -16.99 -21.07
CA GLU A 148 -20.92 -16.96 -19.79
C GLU A 148 -21.27 -18.36 -19.34
N GLY A 149 -21.30 -18.56 -18.02
CA GLY A 149 -21.70 -19.83 -17.45
C GLY A 149 -20.75 -20.98 -17.71
N GLU A 150 -19.49 -20.70 -17.97
CA GLU A 150 -18.49 -21.72 -18.23
C GLU A 150 -17.52 -21.82 -17.06
N GLU A 151 -16.90 -23.00 -16.95
CA GLU A 151 -15.86 -23.19 -15.96
C GLU A 151 -14.67 -22.29 -16.28
N PHE A 152 -13.88 -22.01 -15.25
CA PHE A 152 -12.70 -21.17 -15.46
C PHE A 152 -11.72 -21.85 -16.39
N ALA A 153 -11.29 -21.11 -17.41
CA ALA A 153 -10.36 -21.63 -18.43
C ALA A 153 -10.97 -22.78 -19.21
N GLU A 154 -12.30 -22.82 -19.30
CA GLU A 154 -12.94 -23.75 -20.23
C GLU A 154 -12.53 -23.45 -21.66
N GLY A 155 -12.48 -22.17 -22.03
CA GLY A 155 -12.08 -21.75 -23.34
C GLY A 155 -10.57 -21.64 -23.47
N PRO A 156 -10.08 -21.61 -24.70
CA PRO A 156 -8.64 -21.54 -24.92
C PRO A 156 -8.07 -20.13 -24.77
N ILE A 157 -6.77 -20.08 -24.53
CA ILE A 157 -6.02 -18.84 -24.66
C ILE A 157 -5.91 -18.51 -26.15
N LEU A 158 -6.40 -17.34 -26.54
CA LEU A 158 -6.36 -16.95 -27.93
C LEU A 158 -5.06 -16.23 -28.31
N MET A 159 -4.63 -15.29 -27.49
CA MET A 159 -3.46 -14.49 -27.77
C MET A 159 -2.58 -14.41 -26.52
N ILE A 160 -1.27 -14.35 -26.75
CA ILE A 160 -0.28 -14.13 -25.69
C ILE A 160 0.62 -13.00 -26.16
N SER A 161 0.60 -11.89 -25.44
CA SER A 161 1.37 -10.71 -25.77
C SER A 161 2.49 -10.51 -24.76
N TYR A 162 3.58 -9.90 -25.22
CA TYR A 162 4.71 -9.61 -24.37
C TYR A 162 5.40 -8.36 -24.88
N ALA A 163 5.99 -7.61 -23.96
CA ALA A 163 6.67 -6.37 -24.29
C ALA A 163 7.94 -6.24 -23.45
N ASP A 164 8.96 -5.62 -24.05
CA ASP A 164 10.11 -5.13 -23.32
C ASP A 164 10.82 -4.05 -24.12
N GLU A 165 12.12 -3.88 -23.89
CA GLU A 165 12.87 -2.82 -24.57
C GLU A 165 12.75 -2.91 -26.07
N GLU A 166 12.63 -4.13 -26.62
CA GLU A 166 12.65 -4.32 -28.06
C GLU A 166 11.31 -4.05 -28.73
N GLY A 167 10.22 -4.05 -27.97
CA GLY A 167 8.90 -3.79 -28.52
C GLY A 167 7.83 -4.72 -27.96
N ALA A 168 6.60 -4.56 -28.44
CA ALA A 168 5.49 -5.44 -28.07
C ALA A 168 5.17 -6.37 -29.23
N ARG A 169 4.83 -7.61 -28.89
CA ARG A 169 4.53 -8.63 -29.89
C ARG A 169 3.42 -9.54 -29.36
N VAL A 170 2.68 -10.12 -30.30
CA VAL A 170 1.54 -10.98 -29.97
C VAL A 170 1.69 -12.29 -30.72
N ILE A 171 1.73 -13.39 -29.98
CA ILE A 171 1.59 -14.72 -30.57
C ILE A 171 0.10 -15.03 -30.64
N THR A 172 -0.33 -15.68 -31.72
CA THR A 172 -1.73 -16.06 -31.84
C THR A 172 -1.90 -17.14 -32.89
N TRP A 173 -2.83 -18.05 -32.65
CA TRP A 173 -3.07 -19.18 -33.56
C TRP A 173 -4.28 -18.90 -34.46
N LYS A 174 -4.19 -17.78 -35.16
CA LYS A 174 -5.07 -17.37 -36.25
C LYS A 174 -4.37 -16.24 -36.99
N ASN A 175 -4.63 -16.13 -38.29
CA ASN A 175 -3.92 -15.16 -39.10
C ASN A 175 -4.47 -13.77 -38.82
N VAL A 176 -3.63 -12.93 -38.21
CA VAL A 176 -3.83 -11.49 -38.17
C VAL A 176 -2.63 -10.86 -38.85
N ASP A 177 -2.87 -9.98 -39.81
CA ASP A 177 -1.78 -9.40 -40.60
C ASP A 177 -1.39 -8.07 -39.94
N LEU A 178 -0.57 -8.19 -38.89
CA LEU A 178 -0.03 -7.03 -38.20
C LEU A 178 1.46 -7.29 -38.00
N PRO A 179 2.30 -6.27 -38.17
CA PRO A 179 3.75 -6.50 -38.15
C PRO A 179 4.25 -7.09 -36.84
N TYR A 180 3.53 -6.90 -35.73
CA TYR A 180 3.96 -7.37 -34.43
C TYR A 180 3.25 -8.66 -34.01
N VAL A 181 2.60 -9.35 -34.95
CA VAL A 181 1.87 -10.57 -34.66
C VAL A 181 2.64 -11.75 -35.23
N ASP A 182 2.96 -12.72 -34.37
CA ASP A 182 3.57 -13.98 -34.76
C ASP A 182 2.48 -15.04 -34.79
N VAL A 183 2.21 -15.58 -35.96
CA VAL A 183 1.13 -16.56 -36.12
C VAL A 183 1.70 -17.97 -35.95
N VAL A 184 0.95 -18.80 -35.22
CA VAL A 184 1.22 -20.21 -35.12
C VAL A 184 -0.09 -20.97 -35.35
N SER A 185 -0.03 -22.30 -35.22
CA SER A 185 -1.19 -23.16 -35.33
C SER A 185 -1.37 -23.90 -34.02
N THR A 186 -2.61 -23.95 -33.52
CA THR A 186 -3.00 -24.46 -32.21
C THR A 186 -2.48 -23.57 -31.08
N GLU A 187 -3.24 -23.49 -29.98
CA GLU A 187 -2.77 -22.74 -28.83
C GLU A 187 -1.63 -23.46 -28.12
N ARG A 188 -1.50 -24.78 -28.29
CA ARG A 188 -0.36 -25.49 -27.74
C ARG A 188 0.94 -24.96 -28.32
N GLU A 189 0.92 -24.55 -29.59
CA GLU A 189 2.12 -24.01 -30.21
C GLU A 189 2.38 -22.56 -29.81
N MET A 190 1.36 -21.83 -29.38
CA MET A 190 1.62 -20.49 -28.89
C MET A 190 2.19 -20.52 -27.49
N ILE A 191 1.73 -21.45 -26.64
CA ILE A 191 2.23 -21.53 -25.27
C ILE A 191 3.69 -21.99 -25.27
N LYS A 192 3.98 -23.05 -26.02
CA LYS A 192 5.37 -23.47 -26.21
C LYS A 192 6.21 -22.37 -26.83
N ARG A 193 5.61 -21.55 -27.70
CA ARG A 193 6.33 -20.43 -28.30
C ARG A 193 6.65 -19.35 -27.26
N PHE A 194 5.68 -19.05 -26.39
CA PHE A 194 5.91 -18.08 -25.33
C PHE A 194 7.01 -18.54 -24.39
N LEU A 195 6.99 -19.83 -24.03
CA LEU A 195 8.09 -20.40 -23.24
C LEU A 195 9.42 -20.23 -23.95
N ARG A 196 9.43 -20.44 -25.27
CA ARG A 196 10.64 -20.24 -26.06
C ARG A 196 11.12 -18.79 -25.96
N VAL A 197 10.19 -17.84 -26.02
CA VAL A 197 10.57 -16.43 -25.98
C VAL A 197 11.10 -16.05 -24.60
N VAL A 198 10.40 -16.47 -23.55
CA VAL A 198 10.85 -16.16 -22.20
C VAL A 198 12.19 -16.83 -21.92
N LYS A 199 12.33 -18.09 -22.31
CA LYS A 199 13.58 -18.81 -22.05
C LYS A 199 14.75 -18.17 -22.78
N GLU A 200 14.53 -17.69 -24.00
CA GLU A 200 15.60 -17.04 -24.75
C GLU A 200 15.93 -15.67 -24.16
N LYS A 201 14.91 -14.87 -23.84
CA LYS A 201 15.16 -13.54 -23.30
C LYS A 201 15.69 -13.58 -21.87
N ASP A 202 15.47 -14.67 -21.14
CA ASP A 202 15.90 -14.87 -19.76
C ASP A 202 15.69 -13.61 -18.91
N PRO A 203 14.46 -13.08 -18.84
CA PRO A 203 14.26 -11.85 -18.07
C PRO A 203 14.40 -12.10 -16.57
N ASP A 204 14.88 -11.07 -15.88
CA ASP A 204 14.94 -11.12 -14.42
C ASP A 204 13.56 -10.90 -13.80
N VAL A 205 12.73 -10.07 -14.40
CA VAL A 205 11.42 -9.73 -13.87
C VAL A 205 10.36 -10.03 -14.92
N LEU A 206 9.31 -10.76 -14.51
CA LEU A 206 8.12 -10.96 -15.32
C LEU A 206 7.01 -10.06 -14.76
N ILE A 207 6.63 -9.04 -15.53
CA ILE A 207 5.64 -8.07 -15.08
C ILE A 207 4.28 -8.48 -15.61
N THR A 208 3.32 -8.64 -14.72
CA THR A 208 1.94 -8.84 -15.11
C THR A 208 1.08 -7.74 -14.51
N TYR A 209 -0.21 -7.78 -14.84
CA TYR A 209 -1.22 -6.97 -14.16
C TYR A 209 -2.35 -7.92 -13.75
N ASN A 210 -2.35 -8.29 -12.46
CA ASN A 210 -3.19 -9.33 -11.88
C ASN A 210 -2.78 -10.73 -12.34
N GLY A 211 -1.51 -10.92 -12.70
CA GLY A 211 -1.05 -12.26 -13.02
C GLY A 211 -0.99 -13.20 -11.84
N ASP A 212 -1.16 -12.67 -10.62
CA ASP A 212 -1.28 -13.53 -9.43
C ASP A 212 -2.59 -14.31 -9.43
N ASN A 213 -3.62 -13.80 -10.09
CA ASN A 213 -4.96 -14.38 -9.98
C ASN A 213 -5.57 -14.81 -11.30
N PHE A 214 -5.25 -14.17 -12.42
CA PHE A 214 -5.78 -14.57 -13.72
C PHE A 214 -4.69 -15.23 -14.57
N ASP A 215 -3.73 -14.46 -15.09
CA ASP A 215 -2.88 -14.91 -16.19
C ASP A 215 -2.19 -16.23 -15.89
N PHE A 216 -1.48 -16.32 -14.76
CA PHE A 216 -0.74 -17.55 -14.47
C PHE A 216 -1.69 -18.71 -14.19
N ALA A 217 -2.85 -18.44 -13.60
CA ALA A 217 -3.80 -19.51 -13.33
C ALA A 217 -4.42 -20.04 -14.62
N TYR A 218 -4.80 -19.14 -15.51
CA TYR A 218 -5.33 -19.56 -16.81
C TYR A 218 -4.30 -20.37 -17.58
N LEU A 219 -3.05 -19.87 -17.63
CA LEU A 219 -1.98 -20.59 -18.30
C LEU A 219 -1.78 -21.98 -17.71
N LYS A 220 -1.86 -22.09 -16.39
CA LYS A 220 -1.71 -23.39 -15.74
C LYS A 220 -2.75 -24.37 -16.24
N LYS A 221 -4.04 -24.06 -16.04
CA LYS A 221 -5.12 -24.95 -16.44
C LYS A 221 -4.94 -25.42 -17.89
N ARG A 222 -4.71 -24.48 -18.80
CA ARG A 222 -4.49 -24.82 -20.20
C ARG A 222 -3.32 -25.78 -20.37
N CYS A 223 -2.23 -25.54 -19.65
CA CYS A 223 -1.04 -26.38 -19.77
C CYS A 223 -1.30 -27.80 -19.26
N GLU A 224 -2.12 -27.95 -18.21
CA GLU A 224 -2.51 -29.28 -17.78
C GLU A 224 -3.29 -30.00 -18.87
N LYS A 225 -4.21 -29.29 -19.52
CA LYS A 225 -5.08 -29.93 -20.50
C LYS A 225 -4.30 -30.37 -21.74
N LEU A 226 -3.46 -29.47 -22.26
CA LEU A 226 -2.71 -29.73 -23.48
C LEU A 226 -1.42 -30.50 -23.23
N GLY A 227 -1.11 -30.83 -21.98
CA GLY A 227 0.10 -31.54 -21.67
C GLY A 227 1.35 -30.75 -22.01
N ILE A 228 1.44 -29.53 -21.51
CA ILE A 228 2.60 -28.66 -21.71
C ILE A 228 3.35 -28.55 -20.40
N ASN A 229 4.67 -28.74 -20.44
CA ASN A 229 5.54 -28.46 -19.31
C ASN A 229 5.82 -26.97 -19.26
N PHE A 230 5.18 -26.27 -18.33
CA PHE A 230 5.15 -24.81 -18.31
C PHE A 230 6.31 -24.29 -17.45
N ALA A 231 7.52 -24.50 -17.97
CA ALA A 231 8.74 -24.35 -17.17
C ALA A 231 9.36 -22.96 -17.36
N LEU A 232 8.67 -21.97 -16.78
CA LEU A 232 9.19 -20.60 -16.78
C LEU A 232 10.31 -20.40 -15.77
N GLY A 233 10.41 -21.26 -14.76
CA GLY A 233 11.47 -21.12 -13.78
C GLY A 233 12.83 -21.21 -14.44
N ARG A 234 13.77 -20.38 -13.96
CA ARG A 234 15.15 -20.46 -14.44
C ARG A 234 15.81 -21.77 -14.08
N ASP A 235 15.27 -22.48 -13.10
CA ASP A 235 15.70 -23.83 -12.76
C ASP A 235 14.91 -24.89 -13.52
N GLY A 236 14.03 -24.47 -14.43
CA GLY A 236 13.15 -25.38 -15.12
C GLY A 236 11.87 -25.71 -14.40
N SER A 237 11.59 -25.06 -13.28
CA SER A 237 10.37 -25.34 -12.53
C SER A 237 9.18 -24.64 -13.18
N GLU A 238 8.00 -25.11 -12.83
CA GLU A 238 6.76 -24.45 -13.21
C GLU A 238 6.38 -23.42 -12.14
N PRO A 239 5.59 -22.40 -12.50
CA PRO A 239 5.18 -21.40 -11.51
C PRO A 239 4.59 -22.02 -10.25
N LYS A 240 4.93 -21.42 -9.11
CA LYS A 240 4.52 -21.90 -7.80
C LYS A 240 3.45 -20.99 -7.23
N ILE A 241 2.35 -21.59 -6.77
CA ILE A 241 1.21 -20.84 -6.24
C ILE A 241 1.30 -20.83 -4.71
N GLN A 242 1.22 -19.64 -4.13
CA GLN A 242 1.16 -19.44 -2.70
C GLN A 242 -0.14 -18.75 -2.34
N ARG A 243 -0.61 -18.97 -1.11
CA ARG A 243 -1.81 -18.29 -0.63
C ARG A 243 -1.47 -16.86 -0.25
N MET A 244 -2.39 -15.95 -0.56
CA MET A 244 -2.25 -14.52 -0.24
C MET A 244 -3.53 -14.12 0.47
N GLY A 245 -3.65 -14.53 1.72
CA GLY A 245 -4.92 -14.37 2.43
C GLY A 245 -5.98 -15.21 1.74
N ASP A 246 -7.08 -14.55 1.37
CA ASP A 246 -8.14 -15.17 0.59
C ASP A 246 -7.88 -15.11 -0.91
N ARG A 247 -6.61 -14.99 -1.31
CA ARG A 247 -6.24 -14.90 -2.73
C ARG A 247 -5.02 -15.78 -2.95
N PHE A 248 -4.33 -15.56 -4.06
CA PHE A 248 -3.13 -16.32 -4.40
C PHE A 248 -2.11 -15.41 -5.06
N ALA A 249 -0.83 -15.77 -4.93
CA ALA A 249 0.25 -15.15 -5.66
C ALA A 249 1.13 -16.24 -6.26
N VAL A 250 1.81 -15.89 -7.35
CA VAL A 250 2.56 -16.86 -8.13
C VAL A 250 4.03 -16.47 -8.14
N GLU A 251 4.89 -17.44 -7.80
CA GLU A 251 6.33 -17.30 -7.92
C GLU A 251 6.82 -17.92 -9.22
N VAL A 252 7.96 -17.43 -9.69
CA VAL A 252 8.68 -18.04 -10.81
C VAL A 252 10.13 -18.11 -10.36
N LYS A 253 10.56 -19.30 -9.94
CA LYS A 253 11.85 -19.47 -9.29
C LYS A 253 12.98 -18.94 -10.17
N GLY A 254 13.91 -18.21 -9.55
CA GLY A 254 14.99 -17.58 -10.27
C GLY A 254 14.63 -16.27 -10.92
N ARG A 255 13.37 -15.89 -10.93
CA ARG A 255 12.92 -14.60 -11.44
C ARG A 255 12.08 -13.91 -10.38
N ILE A 256 11.64 -12.69 -10.71
CA ILE A 256 10.73 -11.93 -9.87
C ILE A 256 9.46 -11.73 -10.66
N HIS A 257 8.41 -12.47 -10.31
CA HIS A 257 7.09 -12.14 -10.85
C HIS A 257 6.61 -10.88 -10.14
N PHE A 258 6.60 -9.78 -10.86
CA PHE A 258 6.19 -8.49 -10.31
C PHE A 258 4.79 -8.20 -10.83
N ASP A 259 3.79 -8.52 -10.01
CA ASP A 259 2.41 -8.22 -10.36
C ASP A 259 2.14 -6.76 -10.01
N LEU A 260 1.83 -5.96 -11.04
CA LEU A 260 1.65 -4.52 -10.83
C LEU A 260 0.36 -4.19 -10.09
N TYR A 261 -0.60 -5.11 -10.03
CA TYR A 261 -1.90 -4.77 -9.45
C TYR A 261 -1.82 -4.43 -7.97
N PRO A 262 -1.24 -5.24 -7.09
CA PRO A 262 -1.14 -4.81 -5.69
C PRO A 262 -0.33 -3.54 -5.54
N VAL A 263 0.76 -3.44 -6.30
CA VAL A 263 1.65 -2.27 -6.25
C VAL A 263 0.87 -0.99 -6.51
N ILE A 264 0.12 -0.97 -7.62
CA ILE A 264 -0.59 0.25 -7.99
C ILE A 264 -1.81 0.46 -7.11
N ARG A 265 -2.38 -0.62 -6.58
CA ARG A 265 -3.43 -0.49 -5.58
C ARG A 265 -3.01 0.44 -4.45
N ARG A 266 -1.84 0.19 -3.86
CA ARG A 266 -1.40 0.96 -2.70
C ARG A 266 -0.77 2.29 -3.10
N THR A 267 -0.05 2.33 -4.22
CA THR A 267 0.74 3.50 -4.57
C THR A 267 -0.10 4.64 -5.14
N ILE A 268 -1.23 4.35 -5.78
CA ILE A 268 -2.12 5.35 -6.34
C ILE A 268 -3.52 5.10 -5.79
N ASN A 269 -4.27 6.18 -5.53
CA ASN A 269 -5.68 6.08 -5.15
C ASN A 269 -6.52 6.52 -6.34
N LEU A 270 -7.24 5.57 -6.93
CA LEU A 270 -8.04 5.77 -8.13
C LEU A 270 -9.46 5.27 -7.89
N PRO A 271 -10.45 5.85 -8.57
CA PRO A 271 -11.82 5.32 -8.47
C PRO A 271 -11.92 3.86 -8.89
N THR A 272 -11.36 3.50 -10.05
CA THR A 272 -11.28 2.12 -10.50
C THR A 272 -9.86 1.81 -10.93
N TYR A 273 -9.47 0.54 -10.79
CA TYR A 273 -8.10 0.09 -11.08
C TYR A 273 -8.04 -0.83 -12.28
N THR A 274 -8.81 -0.53 -13.33
CA THR A 274 -8.63 -1.26 -14.58
C THR A 274 -7.30 -0.86 -15.20
N LEU A 275 -6.72 -1.79 -15.97
CA LEU A 275 -5.45 -1.49 -16.65
C LEU A 275 -5.54 -0.22 -17.48
N GLU A 276 -6.71 0.01 -18.09
CA GLU A 276 -6.89 1.19 -18.93
C GLU A 276 -7.03 2.45 -18.08
N ALA A 277 -7.71 2.35 -16.93
CA ALA A 277 -7.84 3.49 -16.04
C ALA A 277 -6.49 3.86 -15.44
N VAL A 278 -5.74 2.85 -14.98
CA VAL A 278 -4.45 3.12 -14.35
C VAL A 278 -3.47 3.72 -15.34
N TYR A 279 -3.49 3.25 -16.58
CA TYR A 279 -2.57 3.77 -17.58
C TYR A 279 -2.84 5.24 -17.88
N GLU A 280 -4.12 5.61 -18.06
CA GLU A 280 -4.46 7.00 -18.30
C GLU A 280 -4.05 7.88 -17.12
N ALA A 281 -4.24 7.38 -15.90
CA ALA A 281 -3.86 8.16 -14.73
C ALA A 281 -2.36 8.40 -14.67
N VAL A 282 -1.58 7.38 -15.02
CA VAL A 282 -0.14 7.48 -14.82
C VAL A 282 0.56 8.19 -15.98
N PHE A 283 0.03 8.08 -17.20
CA PHE A 283 0.72 8.61 -18.36
C PHE A 283 -0.06 9.65 -19.16
N GLY A 284 -1.31 9.93 -18.82
CA GLY A 284 -2.05 10.98 -19.48
C GLY A 284 -2.59 10.66 -20.85
N GLN A 285 -2.19 9.53 -21.45
CA GLN A 285 -2.79 9.12 -22.72
C GLN A 285 -3.80 8.01 -22.47
N PRO A 286 -4.92 8.01 -23.18
CA PRO A 286 -5.96 7.00 -22.92
C PRO A 286 -5.61 5.66 -23.53
N LYS A 287 -6.13 4.60 -22.91
CA LYS A 287 -6.02 3.25 -23.43
C LYS A 287 -7.42 2.71 -23.68
N GLU A 288 -7.65 2.20 -24.88
CA GLU A 288 -8.94 1.67 -25.27
C GLU A 288 -9.12 0.24 -24.75
N LYS A 289 -10.34 -0.09 -24.37
CA LYS A 289 -10.70 -1.40 -23.84
C LYS A 289 -11.62 -2.11 -24.82
N VAL A 290 -11.29 -3.36 -25.13
CA VAL A 290 -12.22 -4.27 -25.80
C VAL A 290 -12.58 -5.37 -24.81
N TYR A 291 -13.85 -5.76 -24.81
CA TYR A 291 -14.39 -6.61 -23.76
C TYR A 291 -14.41 -8.07 -24.21
N ALA A 292 -14.62 -8.97 -23.23
CA ALA A 292 -14.56 -10.40 -23.48
C ALA A 292 -15.59 -10.82 -24.52
N GLU A 293 -16.80 -10.26 -24.44
CA GLU A 293 -17.82 -10.54 -25.46
C GLU A 293 -17.34 -10.12 -26.84
N GLU A 294 -16.73 -8.93 -26.94
CA GLU A 294 -16.15 -8.49 -28.21
C GLU A 294 -15.09 -9.47 -28.70
N ILE A 295 -14.23 -9.92 -27.78
CA ILE A 295 -13.12 -10.79 -28.16
C ILE A 295 -13.64 -12.12 -28.66
N THR A 296 -14.59 -12.72 -27.95
CA THR A 296 -15.13 -14.03 -28.34
C THR A 296 -15.83 -13.94 -29.70
N THR A 297 -16.66 -12.92 -29.89
CA THR A 297 -17.34 -12.75 -31.17
C THR A 297 -16.34 -12.57 -32.30
N ALA A 298 -15.27 -11.80 -32.06
CA ALA A 298 -14.24 -11.62 -33.08
C ALA A 298 -13.55 -12.93 -33.40
N TRP A 299 -13.26 -13.74 -32.39
CA TRP A 299 -12.53 -14.98 -32.62
C TRP A 299 -13.39 -16.01 -33.35
N GLU A 300 -14.67 -16.12 -32.99
CA GLU A 300 -15.49 -17.19 -33.54
C GLU A 300 -16.12 -16.83 -34.88
N THR A 301 -16.27 -15.54 -35.19
CA THR A 301 -16.63 -15.15 -36.55
C THR A 301 -15.42 -14.94 -37.43
N GLY A 302 -14.24 -14.78 -36.83
CA GLY A 302 -13.03 -14.48 -37.57
C GLY A 302 -12.88 -13.04 -37.99
N GLU A 303 -13.85 -12.19 -37.66
CA GLU A 303 -13.89 -10.80 -38.13
C GLU A 303 -13.31 -9.87 -37.08
N ASN A 304 -12.60 -8.83 -37.56
CA ASN A 304 -12.08 -7.77 -36.71
C ASN A 304 -11.15 -8.29 -35.62
N LEU A 305 -10.40 -9.36 -35.93
CA LEU A 305 -9.42 -9.86 -34.98
C LEU A 305 -8.25 -8.91 -34.80
N GLU A 306 -8.08 -7.94 -35.71
CA GLU A 306 -6.94 -7.04 -35.64
C GLU A 306 -7.05 -6.09 -34.46
N ARG A 307 -8.26 -5.58 -34.17
CA ARG A 307 -8.43 -4.73 -33.00
C ARG A 307 -8.24 -5.52 -31.70
N VAL A 308 -8.54 -6.81 -31.72
CA VAL A 308 -8.24 -7.66 -30.56
C VAL A 308 -6.74 -7.87 -30.44
N ALA A 309 -6.05 -8.00 -31.58
CA ALA A 309 -4.60 -8.08 -31.56
C ALA A 309 -3.98 -6.78 -31.05
N ARG A 310 -4.58 -5.64 -31.40
CA ARG A 310 -4.07 -4.37 -30.90
C ARG A 310 -4.29 -4.24 -29.40
N TYR A 311 -5.46 -4.66 -28.91
CA TYR A 311 -5.71 -4.63 -27.47
C TYR A 311 -4.71 -5.49 -26.72
N SER A 312 -4.45 -6.70 -27.20
CA SER A 312 -3.52 -7.57 -26.51
C SER A 312 -2.12 -7.01 -26.54
N MET A 313 -1.71 -6.47 -27.69
CA MET A 313 -0.39 -5.85 -27.79
C MET A 313 -0.25 -4.67 -26.85
N GLU A 314 -1.31 -3.86 -26.71
CA GLU A 314 -1.26 -2.71 -25.82
C GLU A 314 -1.24 -3.15 -24.37
N ASP A 315 -2.01 -4.19 -24.03
CA ASP A 315 -1.97 -4.74 -22.68
C ASP A 315 -0.55 -4.99 -22.24
N ALA A 316 0.22 -5.73 -23.06
CA ALA A 316 1.63 -5.98 -22.76
C ALA A 316 2.44 -4.69 -22.80
N LYS A 317 2.19 -3.83 -23.79
CA LYS A 317 3.01 -2.63 -23.96
C LYS A 317 2.88 -1.70 -22.77
N VAL A 318 1.65 -1.40 -22.35
CA VAL A 318 1.45 -0.51 -21.21
C VAL A 318 1.87 -1.18 -19.91
N THR A 319 1.74 -2.52 -19.81
CA THR A 319 2.18 -3.21 -18.62
C THR A 319 3.69 -3.14 -18.44
N TYR A 320 4.44 -3.11 -19.54
CA TYR A 320 5.89 -2.93 -19.44
C TYR A 320 6.23 -1.53 -18.94
N GLU A 321 5.52 -0.52 -19.43
CA GLU A 321 5.82 0.85 -19.05
C GLU A 321 5.54 1.08 -17.57
N LEU A 322 4.39 0.62 -17.09
CA LEU A 322 4.10 0.72 -15.66
C LEU A 322 5.10 -0.07 -14.84
N GLY A 323 5.55 -1.20 -15.38
CA GLY A 323 6.63 -1.93 -14.73
C GLY A 323 7.85 -1.06 -14.53
N LYS A 324 8.29 -0.37 -15.58
CA LYS A 324 9.47 0.49 -15.45
C LYS A 324 9.22 1.66 -14.51
N GLU A 325 7.97 2.09 -14.35
CA GLU A 325 7.68 3.24 -13.51
C GLU A 325 7.66 2.87 -12.03
N PHE A 326 7.09 1.70 -11.69
CA PHE A 326 6.82 1.34 -10.31
C PHE A 326 7.82 0.35 -9.72
N LEU A 327 8.64 -0.29 -10.54
CA LEU A 327 9.57 -1.30 -10.03
C LEU A 327 10.77 -0.71 -9.30
N PRO A 328 11.48 0.29 -9.86
CA PRO A 328 12.68 0.79 -9.17
C PRO A 328 12.44 1.22 -7.73
N MET A 329 11.36 1.96 -7.47
CA MET A 329 11.07 2.36 -6.10
C MET A 329 10.75 1.16 -5.22
N GLU A 330 9.96 0.20 -5.74
CA GLU A 330 9.69 -1.02 -5.00
C GLU A 330 10.94 -1.87 -4.78
N ALA A 331 11.93 -1.75 -5.66
CA ALA A 331 13.22 -2.40 -5.43
C ALA A 331 14.03 -1.68 -4.36
N GLN A 332 13.85 -0.37 -4.22
CA GLN A 332 14.45 0.34 -3.10
C GLN A 332 13.76 -0.02 -1.79
N LEU A 333 12.44 -0.12 -1.81
CA LEU A 333 11.72 -0.55 -0.62
C LEU A 333 12.15 -1.96 -0.21
N SER A 334 12.34 -2.85 -1.18
CA SER A 334 12.89 -4.17 -0.89
C SER A 334 14.24 -4.07 -0.19
N ARG A 335 15.10 -3.16 -0.66
CA ARG A 335 16.39 -2.94 -0.03
C ARG A 335 16.23 -2.51 1.42
N LEU A 336 15.25 -1.63 1.69
CA LEU A 336 15.07 -1.08 3.03
C LEU A 336 14.60 -2.14 4.01
N ILE A 337 13.59 -2.92 3.62
CA ILE A 337 13.03 -3.92 4.52
C ILE A 337 13.95 -5.12 4.67
N GLY A 338 14.82 -5.38 3.69
CA GLY A 338 15.63 -6.58 3.74
C GLY A 338 14.84 -7.82 3.41
N GLN A 339 13.90 -7.72 2.48
CA GLN A 339 13.10 -8.85 2.04
C GLN A 339 12.96 -8.79 0.54
N SER A 340 12.62 -9.92 -0.05
CA SER A 340 12.62 -10.03 -1.50
C SER A 340 11.56 -9.12 -2.11
N LEU A 341 11.86 -8.61 -3.31
CA LEU A 341 10.93 -7.75 -4.03
C LEU A 341 9.58 -8.44 -4.21
N TRP A 342 9.59 -9.74 -4.50
CA TRP A 342 8.34 -10.49 -4.63
C TRP A 342 7.48 -10.36 -3.38
N ASP A 343 8.11 -10.47 -2.20
CA ASP A 343 7.37 -10.36 -0.95
C ASP A 343 6.93 -8.93 -0.69
N VAL A 344 7.84 -7.98 -0.84
CA VAL A 344 7.59 -6.60 -0.44
C VAL A 344 6.52 -5.97 -1.32
N SER A 345 6.57 -6.23 -2.64
CA SER A 345 5.57 -5.71 -3.56
C SER A 345 4.18 -6.30 -3.30
N ARG A 346 4.06 -7.30 -2.44
CA ARG A 346 2.79 -7.91 -2.10
C ARG A 346 2.42 -7.73 -0.63
N SER A 347 3.14 -6.89 0.09
CA SER A 347 2.93 -6.73 1.53
C SER A 347 2.41 -5.34 1.85
N SER A 348 1.56 -5.28 2.86
CA SER A 348 1.11 -3.99 3.39
C SER A 348 2.26 -3.28 4.10
N THR A 349 2.13 -1.96 4.21
CA THR A 349 3.09 -1.19 4.99
C THR A 349 3.13 -1.65 6.44
N GLY A 350 2.01 -2.19 6.94
CA GLY A 350 2.02 -2.76 8.27
C GLY A 350 2.81 -4.05 8.36
N ASN A 351 2.74 -4.88 7.32
CA ASN A 351 3.50 -6.13 7.33
C ASN A 351 5.01 -5.85 7.25
N LEU A 352 5.40 -4.77 6.59
CA LEU A 352 6.81 -4.52 6.33
C LEU A 352 7.57 -4.04 7.56
N VAL A 353 6.93 -3.26 8.43
CA VAL A 353 7.62 -2.80 9.62
C VAL A 353 8.01 -3.97 10.51
N GLU A 354 7.16 -4.99 10.59
CA GLU A 354 7.50 -6.19 11.34
C GLU A 354 8.75 -6.85 10.78
N TRP A 355 8.87 -6.89 9.45
CA TRP A 355 10.07 -7.46 8.83
C TRP A 355 11.30 -6.61 9.12
N PHE A 356 11.17 -5.29 8.98
CA PHE A 356 12.27 -4.40 9.35
C PHE A 356 12.64 -4.56 10.81
N LEU A 357 11.65 -4.52 11.70
CA LEU A 357 11.91 -4.68 13.13
C LEU A 357 12.55 -6.02 13.43
N LEU A 358 12.03 -7.10 12.82
CA LEU A 358 12.60 -8.43 13.02
C LEU A 358 14.09 -8.43 12.70
N ARG A 359 14.46 -7.78 11.59
CA ARG A 359 15.86 -7.70 11.20
C ARG A 359 16.68 -6.89 12.21
N LYS A 360 16.17 -5.73 12.61
CA LYS A 360 16.86 -4.92 13.61
C LYS A 360 17.00 -5.68 14.92
N ALA A 361 15.91 -6.33 15.36
CA ALA A 361 15.94 -7.11 16.59
C ALA A 361 17.03 -8.17 16.55
N TYR A 362 17.18 -8.83 15.40
CA TYR A 362 18.25 -9.82 15.28
C TYR A 362 19.62 -9.15 15.30
N GLU A 363 19.74 -7.97 14.68
CA GLU A 363 20.99 -7.22 14.74
C GLU A 363 21.39 -6.93 16.18
N ARG A 364 20.41 -6.72 17.06
CA ARG A 364 20.63 -6.30 18.43
C ARG A 364 20.38 -7.41 19.45
N ASN A 365 20.41 -8.67 19.01
CA ASN A 365 20.22 -9.83 19.88
C ASN A 365 18.98 -9.66 20.78
N GLU A 366 17.91 -9.13 20.19
CA GLU A 366 16.66 -8.91 20.89
C GLU A 366 15.64 -9.95 20.46
N LEU A 367 15.11 -10.68 21.43
CA LEU A 367 14.20 -11.79 21.19
C LEU A 367 12.84 -11.23 20.78
N ALA A 368 12.47 -11.47 19.53
CA ALA A 368 11.24 -10.92 19.00
C ALA A 368 10.05 -11.37 19.83
N PRO A 369 9.20 -10.46 20.28
CA PRO A 369 7.97 -10.88 20.98
C PRO A 369 7.06 -11.64 20.02
N ASN A 370 6.29 -12.57 20.58
CA ASN A 370 5.40 -13.36 19.76
C ASN A 370 4.21 -12.53 19.30
N LYS A 371 3.60 -13.00 18.21
CA LYS A 371 2.32 -12.47 17.79
C LYS A 371 1.27 -12.77 18.88
N PRO A 372 0.24 -11.94 19.01
CA PRO A 372 -0.70 -12.12 20.11
C PRO A 372 -1.61 -13.33 19.90
N ASP A 373 -1.81 -14.09 20.98
CA ASP A 373 -2.86 -15.09 21.00
C ASP A 373 -4.22 -14.39 21.09
N GLU A 374 -5.29 -15.17 20.92
CA GLU A 374 -6.62 -14.57 20.86
C GLU A 374 -7.08 -13.99 22.20
N LYS A 375 -6.56 -14.48 23.32
CA LYS A 375 -6.90 -13.86 24.60
C LYS A 375 -6.24 -12.49 24.74
N GLU A 376 -4.97 -12.37 24.34
CA GLU A 376 -4.28 -11.10 24.40
C GLU A 376 -4.83 -10.12 23.36
N LEU A 377 -5.21 -10.62 22.19
CA LEU A 377 -5.86 -9.79 21.19
C LEU A 377 -7.09 -9.08 21.75
N ALA A 378 -7.74 -9.69 22.74
CA ALA A 378 -8.89 -9.07 23.39
C ALA A 378 -8.48 -8.02 24.41
N ARG A 379 -7.37 -8.24 25.12
CA ARG A 379 -6.79 -7.23 25.99
C ARG A 379 -6.21 -6.05 25.20
N ARG A 380 -6.15 -6.14 23.88
CA ARG A 380 -5.55 -5.11 23.04
C ARG A 380 -6.59 -4.30 22.28
N ARG A 381 -7.86 -4.37 22.69
CA ARG A 381 -8.92 -3.57 22.08
C ARG A 381 -9.17 -2.27 22.83
N GLN A 382 -8.40 -2.01 23.88
CA GLN A 382 -8.46 -0.72 24.57
C GLN A 382 -7.98 0.39 23.65
N LYS A 383 -8.75 1.47 23.57
CA LYS A 383 -8.47 2.58 22.67
C LYS A 383 -7.85 3.74 23.43
N TYR A 384 -7.26 4.67 22.68
CA TYR A 384 -6.60 5.84 23.26
C TYR A 384 -6.86 7.05 22.38
N GLU A 385 -6.35 8.21 22.82
CA GLU A 385 -6.60 9.48 22.16
C GLU A 385 -5.55 9.72 21.08
N GLY A 386 -5.98 10.34 19.99
CA GLY A 386 -5.10 10.59 18.86
C GLY A 386 -4.70 12.05 18.72
N GLY A 387 -4.71 12.54 17.48
CA GLY A 387 -4.31 13.91 17.25
C GLY A 387 -5.37 14.93 17.62
N TYR A 388 -4.90 16.15 17.89
CA TYR A 388 -5.80 17.26 18.13
C TYR A 388 -6.28 17.83 16.80
N VAL A 389 -7.60 17.92 16.63
CA VAL A 389 -8.19 18.56 15.47
C VAL A 389 -9.03 19.73 15.97
N LYS A 390 -8.79 20.91 15.42
CA LYS A 390 -9.50 22.12 15.79
C LYS A 390 -10.65 22.35 14.80
N GLU A 391 -11.83 22.65 15.33
CA GLU A 391 -12.93 23.09 14.49
C GLU A 391 -12.46 24.29 13.68
N PRO A 392 -12.44 24.22 12.35
CA PRO A 392 -11.91 25.34 11.57
C PRO A 392 -12.72 26.60 11.81
N GLU A 393 -12.04 27.74 11.78
CA GLU A 393 -12.72 29.03 11.70
C GLU A 393 -13.37 29.07 10.32
N ARG A 394 -14.56 28.48 10.25
CA ARG A 394 -15.19 28.14 8.98
C ARG A 394 -15.42 29.37 8.11
N GLY A 395 -14.91 29.33 6.89
CA GLY A 395 -15.05 30.42 5.95
C GLY A 395 -13.81 30.58 5.10
N LEU A 396 -13.74 31.71 4.40
CA LEU A 396 -12.65 32.02 3.49
C LEU A 396 -11.67 32.98 4.14
N TRP A 397 -10.38 32.80 3.84
CA TRP A 397 -9.32 33.51 4.55
C TRP A 397 -8.27 34.03 3.57
N GLU A 398 -7.54 35.05 4.00
CA GLU A 398 -6.54 35.72 3.19
C GLU A 398 -5.17 35.61 3.83
N ASN A 399 -4.15 35.42 3.00
CA ASN A 399 -2.74 35.53 3.39
C ASN A 399 -2.41 34.59 4.56
N ILE A 400 -2.51 33.29 4.29
CA ILE A 400 -2.36 32.28 5.33
C ILE A 400 -1.09 31.48 5.09
N VAL A 401 -0.51 31.00 6.19
CA VAL A 401 0.68 30.17 6.15
C VAL A 401 0.37 28.86 6.86
N TYR A 402 0.99 27.79 6.38
CA TYR A 402 0.90 26.47 7.01
C TYR A 402 2.24 26.18 7.66
N LEU A 403 2.21 25.96 8.97
CA LEU A 403 3.37 25.52 9.73
C LEU A 403 3.14 24.09 10.18
N ASP A 404 4.09 23.21 9.90
CA ASP A 404 3.96 21.81 10.25
C ASP A 404 5.24 21.32 10.91
N PHE A 405 5.09 20.36 11.81
CA PHE A 405 6.22 19.74 12.48
C PHE A 405 6.92 18.76 11.54
N ARG A 406 8.24 18.81 11.53
CA ARG A 406 9.01 17.77 10.85
C ARG A 406 8.84 16.45 11.60
N SER A 407 8.15 15.50 10.98
CA SER A 407 8.00 14.16 11.53
C SER A 407 7.65 14.19 13.01
N LEU A 408 6.46 14.69 13.34
CA LEU A 408 6.14 14.98 14.74
C LEU A 408 6.30 13.76 15.63
N TYR A 409 5.74 12.62 15.22
CA TYR A 409 5.74 11.45 16.09
C TYR A 409 7.11 10.80 16.19
N PRO A 410 7.88 10.64 15.11
CA PRO A 410 9.26 10.15 15.27
C PRO A 410 10.13 11.07 16.12
N SER A 411 10.04 12.38 15.88
CA SER A 411 10.72 13.35 16.74
C SER A 411 10.40 13.09 18.22
N ILE A 412 9.14 12.78 18.51
CA ILE A 412 8.74 12.55 19.90
C ILE A 412 9.34 11.26 20.43
N ILE A 413 9.22 10.17 19.65
CA ILE A 413 9.77 8.88 20.05
C ILE A 413 11.25 8.99 20.33
N ILE A 414 11.98 9.69 19.46
CA ILE A 414 13.43 9.84 19.64
C ILE A 414 13.74 10.73 20.84
N THR A 415 13.12 11.91 20.88
CA THR A 415 13.47 12.90 21.90
C THR A 415 13.23 12.36 23.30
N HIS A 416 12.12 11.67 23.52
CA HIS A 416 11.75 11.19 24.85
C HIS A 416 12.01 9.71 25.04
N ASN A 417 12.66 9.06 24.07
CA ASN A 417 13.07 7.65 24.19
C ASN A 417 11.87 6.74 24.45
N VAL A 418 10.82 6.92 23.65
CA VAL A 418 9.60 6.13 23.80
C VAL A 418 9.82 4.74 23.21
N SER A 419 9.69 3.71 24.05
CA SER A 419 9.86 2.34 23.61
C SER A 419 9.22 1.43 24.64
N PRO A 420 8.66 0.29 24.21
CA PRO A 420 8.16 -0.68 25.20
C PRO A 420 9.20 -1.15 26.19
N ASP A 421 10.49 -1.09 25.85
CA ASP A 421 11.57 -1.49 26.75
C ASP A 421 12.07 -0.36 27.64
N THR A 422 11.50 0.85 27.51
CA THR A 422 11.82 1.95 28.41
C THR A 422 10.64 2.35 29.28
N LEU A 423 9.44 1.83 29.01
CA LEU A 423 8.24 2.23 29.73
C LEU A 423 8.30 1.77 31.18
N ASN A 424 8.15 2.72 32.10
CA ASN A 424 8.13 2.48 33.54
C ASN A 424 9.20 1.49 33.97
N ARG A 425 10.39 1.65 33.41
CA ARG A 425 11.54 0.85 33.81
C ARG A 425 12.04 1.35 35.16
N GLU A 426 12.21 0.43 36.11
CA GLU A 426 12.60 0.84 37.45
C GLU A 426 14.11 1.06 37.54
N GLY A 427 14.50 1.87 38.51
CA GLY A 427 15.91 2.05 38.81
C GLY A 427 16.70 2.87 37.83
N CYS A 428 16.05 3.74 37.07
CA CYS A 428 16.78 4.63 36.18
C CYS A 428 17.09 5.94 36.88
N GLY A 429 18.06 6.67 36.32
CA GLY A 429 18.51 7.92 36.89
C GLY A 429 17.97 9.13 36.17
N GLU A 430 17.39 8.94 34.99
CA GLU A 430 16.75 10.02 34.27
C GLU A 430 15.49 9.50 33.58
N TYR A 431 14.40 10.25 33.71
CA TYR A 431 13.15 9.92 33.06
C TYR A 431 12.61 11.16 32.34
N ASP A 432 11.73 10.90 31.39
CA ASP A 432 10.79 11.88 30.86
C ASP A 432 9.39 11.38 31.16
N VAL A 433 8.46 12.31 31.35
CA VAL A 433 7.10 11.96 31.75
C VAL A 433 6.14 12.47 30.69
N ALA A 434 5.23 11.59 30.27
CA ALA A 434 4.30 11.94 29.20
C ALA A 434 3.12 12.73 29.77
N PRO A 435 2.66 13.77 29.09
CA PRO A 435 1.53 14.53 29.60
C PRO A 435 0.24 13.76 29.49
N GLN A 436 -0.68 14.02 30.44
CA GLN A 436 -2.03 13.45 30.50
C GLN A 436 -2.03 11.98 30.88
N VAL A 437 -1.20 11.18 30.20
CA VAL A 437 -1.18 9.75 30.46
C VAL A 437 -0.17 9.38 31.55
N GLY A 438 0.84 10.22 31.77
CA GLY A 438 1.72 10.05 32.91
C GLY A 438 2.66 8.88 32.85
N HIS A 439 2.93 8.34 31.66
CA HIS A 439 3.86 7.23 31.51
C HIS A 439 5.29 7.74 31.57
N ARG A 440 6.12 7.10 32.39
CA ARG A 440 7.52 7.47 32.53
C ARG A 440 8.35 6.64 31.57
N PHE A 441 9.37 7.26 30.98
CA PHE A 441 10.22 6.61 30.00
C PHE A 441 11.68 6.82 30.38
N CYS A 442 12.39 5.72 30.61
CA CYS A 442 13.79 5.79 30.98
C CYS A 442 14.61 6.42 29.85
N LYS A 443 15.67 7.14 30.25
CA LYS A 443 16.56 7.80 29.30
C LYS A 443 18.01 7.39 29.50
N ASP A 444 18.30 6.50 30.46
CA ASP A 444 19.68 6.11 30.71
C ASP A 444 20.31 5.47 29.47
N LEU A 445 19.55 4.64 28.76
CA LEU A 445 20.00 4.01 27.54
C LEU A 445 18.95 4.20 26.46
N PRO A 446 19.37 4.40 25.20
CA PRO A 446 18.39 4.51 24.12
C PRO A 446 17.65 3.19 23.94
N GLY A 447 16.33 3.30 23.77
CA GLY A 447 15.49 2.13 23.62
C GLY A 447 15.53 1.56 22.22
N PHE A 448 14.94 0.37 22.08
CA PHE A 448 14.96 -0.33 20.80
C PHE A 448 14.36 0.54 19.71
N ILE A 449 13.09 0.93 19.88
CA ILE A 449 12.42 1.75 18.88
C ILE A 449 13.15 3.10 18.63
N PRO A 450 13.50 3.86 19.67
CA PRO A 450 14.16 5.15 19.37
C PRO A 450 15.51 5.01 18.68
N SER A 451 16.25 3.94 18.96
CA SER A 451 17.53 3.73 18.28
C SER A 451 17.34 3.58 16.78
N LEU A 452 16.41 2.72 16.36
CA LEU A 452 16.16 2.51 14.95
C LEU A 452 15.65 3.78 14.28
N LEU A 453 14.69 4.47 14.89
CA LEU A 453 14.17 5.70 14.31
C LEU A 453 15.27 6.74 14.14
N GLY A 454 16.17 6.84 15.11
CA GLY A 454 17.29 7.76 14.96
C GLY A 454 18.22 7.37 13.82
N ASP A 455 18.65 6.11 13.80
CA ASP A 455 19.44 5.60 12.69
C ASP A 455 18.74 5.82 11.37
N LEU A 456 17.41 5.69 11.35
CA LEU A 456 16.67 5.82 10.11
C LEU A 456 16.65 7.26 9.62
N LEU A 457 16.25 8.20 10.49
CA LEU A 457 16.16 9.60 10.09
C LEU A 457 17.53 10.22 9.90
N GLU A 458 18.54 9.71 10.60
CA GLU A 458 19.92 10.10 10.31
C GLU A 458 20.33 9.64 8.93
N GLU A 459 20.03 8.39 8.59
CA GLU A 459 20.33 7.89 7.25
C GLU A 459 19.61 8.71 6.19
N ARG A 460 18.32 9.01 6.43
CA ARG A 460 17.55 9.77 5.45
C ARG A 460 18.20 11.12 5.15
N GLN A 461 18.75 11.79 6.17
CA GLN A 461 19.38 13.08 5.92
C GLN A 461 20.72 12.91 5.20
N LYS A 462 21.46 11.84 5.48
CA LYS A 462 22.65 11.54 4.70
C LYS A 462 22.28 11.33 3.24
N ILE A 463 21.20 10.58 3.00
CA ILE A 463 20.75 10.29 1.64
C ILE A 463 20.44 11.58 0.89
N LYS A 464 19.67 12.46 1.52
CA LYS A 464 19.23 13.67 0.84
C LYS A 464 20.41 14.57 0.46
N LYS A 465 21.49 14.55 1.24
CA LYS A 465 22.67 15.33 0.89
C LYS A 465 23.36 14.73 -0.33
N LYS A 466 23.74 13.46 -0.25
CA LYS A 466 24.41 12.82 -1.38
C LYS A 466 23.57 12.92 -2.64
N MET A 467 22.24 12.91 -2.48
CA MET A 467 21.34 13.04 -3.64
C MET A 467 21.52 14.38 -4.33
N LYS A 468 21.37 15.48 -3.58
CA LYS A 468 21.52 16.82 -4.14
C LYS A 468 22.91 17.04 -4.74
N ALA A 469 23.90 16.23 -4.34
CA ALA A 469 25.23 16.33 -4.92
C ALA A 469 25.52 15.26 -5.97
N THR A 470 24.68 14.22 -6.05
CA THR A 470 24.94 13.11 -6.96
C THR A 470 25.03 13.63 -8.39
N ILE A 471 26.03 13.13 -9.12
CA ILE A 471 26.29 13.57 -10.48
C ILE A 471 25.75 12.60 -11.52
N ASP A 472 25.11 11.50 -11.09
CA ASP A 472 24.45 10.53 -11.96
C ASP A 472 22.95 10.72 -11.92
N PRO A 473 22.25 10.68 -13.06
CA PRO A 473 20.80 10.93 -13.04
C PRO A 473 20.00 9.81 -12.43
N ILE A 474 20.40 8.56 -12.66
CA ILE A 474 19.65 7.43 -12.12
C ILE A 474 19.88 7.33 -10.62
N GLU A 475 21.15 7.40 -10.19
CA GLU A 475 21.47 7.33 -8.76
C GLU A 475 20.76 8.44 -7.98
N ARG A 476 20.57 9.60 -8.62
CA ARG A 476 19.79 10.67 -8.02
C ARG A 476 18.40 10.18 -7.64
N LYS A 477 17.63 9.72 -8.63
CA LYS A 477 16.26 9.31 -8.36
C LYS A 477 16.21 8.02 -7.55
N LEU A 478 17.27 7.21 -7.60
CA LEU A 478 17.36 6.06 -6.70
C LEU A 478 17.44 6.51 -5.25
N LEU A 479 18.43 7.36 -4.95
CA LEU A 479 18.54 7.93 -3.60
C LEU A 479 17.27 8.68 -3.22
N ASP A 480 16.67 9.38 -4.19
CA ASP A 480 15.38 10.03 -3.94
C ASP A 480 14.35 9.02 -3.46
N TYR A 481 14.34 7.83 -4.07
CA TYR A 481 13.45 6.77 -3.64
C TYR A 481 13.75 6.33 -2.21
N ARG A 482 15.04 6.14 -1.89
CA ARG A 482 15.40 5.60 -0.59
C ARG A 482 14.94 6.52 0.54
N GLN A 483 15.27 7.81 0.45
CA GLN A 483 14.90 8.73 1.52
C GLN A 483 13.40 8.94 1.58
N ARG A 484 12.72 8.95 0.42
CA ARG A 484 11.26 9.03 0.43
C ARG A 484 10.66 7.82 1.12
N LEU A 485 11.24 6.64 0.90
CA LEU A 485 10.71 5.43 1.55
C LEU A 485 11.05 5.39 3.03
N ILE A 486 12.18 5.96 3.44
CA ILE A 486 12.53 6.01 4.85
C ILE A 486 11.51 6.85 5.62
N LYS A 487 11.01 7.92 5.01
CA LYS A 487 10.05 8.78 5.69
C LYS A 487 8.76 8.03 5.98
N ILE A 488 8.26 7.28 5.00
CA ILE A 488 7.05 6.47 5.20
C ILE A 488 7.30 5.40 6.25
N LEU A 489 8.44 4.71 6.17
CA LEU A 489 8.76 3.66 7.13
C LEU A 489 8.86 4.21 8.55
N ALA A 490 9.38 5.43 8.70
CA ALA A 490 9.55 6.01 10.03
C ALA A 490 8.19 6.21 10.71
N ASN A 491 7.23 6.74 9.97
CA ASN A 491 5.94 7.11 10.54
C ASN A 491 4.94 5.95 10.52
N SER A 492 5.36 4.77 10.08
CA SER A 492 4.58 3.56 10.31
C SER A 492 4.99 2.85 11.60
N VAL A 493 6.05 3.33 12.27
CA VAL A 493 6.48 2.71 13.51
C VAL A 493 5.51 3.04 14.65
N TYR A 494 5.01 4.28 14.67
CA TYR A 494 3.97 4.65 15.63
C TYR A 494 2.75 3.76 15.45
N GLY A 495 2.26 3.64 14.21
CA GLY A 495 1.12 2.78 13.95
C GLY A 495 1.34 1.35 14.41
N HIS A 496 2.57 0.86 14.27
CA HIS A 496 2.88 -0.48 14.76
C HIS A 496 2.64 -0.59 16.26
N MET A 497 3.15 0.37 17.03
CA MET A 497 3.06 0.26 18.49
C MET A 497 1.62 0.18 18.97
N GLY A 498 0.67 0.68 18.19
CA GLY A 498 -0.74 0.59 18.55
C GLY A 498 -1.52 -0.49 17.84
N PHE A 499 -0.89 -1.23 16.94
CA PHE A 499 -1.61 -2.21 16.12
C PHE A 499 -1.97 -3.43 16.95
N GLU A 500 -3.25 -3.85 16.82
CA GLU A 500 -3.76 -5.05 17.49
C GLU A 500 -2.78 -6.21 17.45
N ASN A 501 -2.26 -6.53 16.27
CA ASN A 501 -1.50 -7.74 16.04
C ASN A 501 -0.01 -7.47 15.89
N ALA A 502 0.49 -6.37 16.43
CA ALA A 502 1.90 -6.04 16.33
C ALA A 502 2.71 -6.78 17.38
N ARG A 503 3.91 -7.22 17.00
CA ARG A 503 4.80 -7.86 17.96
C ARG A 503 5.23 -6.87 19.04
N TRP A 504 5.61 -5.67 18.63
CA TRP A 504 5.98 -4.61 19.59
C TRP A 504 4.81 -3.67 19.87
N TYR A 505 3.67 -4.26 20.21
CA TYR A 505 2.53 -3.48 20.67
C TYR A 505 2.79 -2.91 22.05
N CYS A 506 2.50 -1.62 22.20
CA CYS A 506 2.64 -0.90 23.46
C CYS A 506 1.63 0.25 23.42
N LYS A 507 0.44 0.02 23.97
CA LYS A 507 -0.57 1.09 24.02
C LYS A 507 -0.05 2.29 24.79
N GLU A 508 0.64 2.04 25.90
CA GLU A 508 1.16 3.13 26.73
C GLU A 508 2.15 3.99 25.94
N CYS A 509 2.98 3.35 25.11
CA CYS A 509 3.88 4.10 24.24
C CYS A 509 3.11 4.87 23.18
N ALA A 510 2.13 4.22 22.54
CA ALA A 510 1.38 4.86 21.47
C ALA A 510 0.62 6.08 21.97
N GLU A 511 -0.03 5.98 23.13
CA GLU A 511 -0.78 7.12 23.63
C GLU A 511 0.13 8.18 24.25
N SER A 512 1.31 7.78 24.74
CA SER A 512 2.29 8.77 25.17
C SER A 512 2.75 9.63 24.00
N VAL A 513 2.93 9.02 22.83
CA VAL A 513 3.37 9.76 21.65
C VAL A 513 2.32 10.78 21.24
N THR A 514 1.07 10.34 21.10
CA THR A 514 0.00 11.26 20.73
C THR A 514 -0.19 12.35 21.77
N ALA A 515 -0.05 12.00 23.06
CA ALA A 515 -0.18 12.99 24.12
C ALA A 515 0.86 14.09 23.97
N TRP A 516 2.12 13.71 23.78
CA TRP A 516 3.16 14.71 23.55
C TRP A 516 2.88 15.54 22.31
N GLY A 517 2.41 14.91 21.24
CA GLY A 517 2.06 15.66 20.03
C GLY A 517 0.98 16.68 20.27
N ARG A 518 -0.03 16.34 21.08
CA ARG A 518 -1.09 17.29 21.39
C ARG A 518 -0.56 18.44 22.25
N GLU A 519 0.25 18.12 23.25
CA GLU A 519 0.83 19.16 24.09
C GLU A 519 1.64 20.14 23.24
N TYR A 520 2.57 19.61 22.46
CA TYR A 520 3.45 20.46 21.66
C TYR A 520 2.67 21.31 20.67
N LEU A 521 1.66 20.72 20.01
CA LEU A 521 0.90 21.47 19.02
C LEU A 521 0.08 22.58 19.65
N THR A 522 -0.75 22.25 20.64
CA THR A 522 -1.55 23.27 21.29
C THR A 522 -0.69 24.31 22.01
N MET A 523 0.55 23.97 22.36
CA MET A 523 1.45 24.95 22.95
C MET A 523 1.86 25.98 21.92
N THR A 524 2.32 25.51 20.75
CA THR A 524 2.74 26.45 19.70
C THR A 524 1.55 27.27 19.20
N ILE A 525 0.36 26.67 19.14
CA ILE A 525 -0.83 27.42 18.78
C ILE A 525 -1.14 28.49 19.82
N LYS A 526 -0.96 28.16 21.11
CA LYS A 526 -1.10 29.18 22.15
C LYS A 526 -0.08 30.30 21.96
N GLU A 527 1.18 29.96 21.71
CA GLU A 527 2.23 30.97 21.66
C GLU A 527 2.11 31.84 20.41
N ILE A 528 1.67 31.29 19.28
CA ILE A 528 1.60 32.09 18.06
C ILE A 528 0.45 33.08 18.13
N GLU A 529 -0.64 32.74 18.83
CA GLU A 529 -1.74 33.67 18.96
C GLU A 529 -1.44 34.75 20.00
N GLU A 530 -0.86 34.35 21.13
CA GLU A 530 -0.66 35.29 22.23
C GLU A 530 0.59 36.14 22.04
N LYS A 531 1.73 35.50 21.79
CA LYS A 531 2.98 36.26 21.71
C LYS A 531 3.11 37.04 20.41
N TYR A 532 2.55 36.51 19.32
CA TYR A 532 2.76 37.10 17.99
C TYR A 532 1.48 37.61 17.33
N GLY A 533 0.32 37.42 17.96
CA GLY A 533 -0.90 38.04 17.45
C GLY A 533 -1.52 37.40 16.24
N PHE A 534 -1.14 36.16 15.93
CA PHE A 534 -1.79 35.42 14.85
C PHE A 534 -3.20 34.99 15.28
N LYS A 535 -3.91 34.36 14.34
CA LYS A 535 -5.15 33.64 14.62
C LYS A 535 -5.05 32.29 13.95
N VAL A 536 -5.09 31.22 14.74
CA VAL A 536 -5.03 29.88 14.17
C VAL A 536 -6.39 29.55 13.57
N ILE A 537 -6.41 29.30 12.26
CA ILE A 537 -7.67 29.02 11.57
C ILE A 537 -8.07 27.56 11.76
N TYR A 538 -7.13 26.65 11.53
CA TYR A 538 -7.44 25.23 11.48
C TYR A 538 -6.17 24.45 11.75
N SER A 539 -6.29 23.39 12.54
CA SER A 539 -5.14 22.61 12.96
C SER A 539 -5.53 21.14 13.01
N ASP A 540 -4.82 20.30 12.27
CA ASP A 540 -4.97 18.87 12.44
C ASP A 540 -3.90 18.35 13.40
N THR A 541 -3.32 17.19 13.10
CA THR A 541 -2.50 16.51 14.09
C THR A 541 -1.18 17.23 14.36
N ASP A 542 -0.50 17.69 13.30
CA ASP A 542 0.89 18.11 13.45
C ASP A 542 1.17 19.45 12.81
N GLY A 543 0.17 20.29 12.63
CA GLY A 543 0.38 21.57 11.98
C GLY A 543 -0.85 22.42 12.09
N PHE A 544 -0.77 23.63 11.55
CA PHE A 544 -1.91 24.53 11.58
C PHE A 544 -1.75 25.60 10.51
N PHE A 545 -2.91 26.10 10.06
CA PHE A 545 -2.98 27.30 9.24
C PHE A 545 -3.26 28.50 10.12
N ALA A 546 -2.67 29.65 9.78
CA ALA A 546 -2.85 30.84 10.58
C ALA A 546 -2.49 32.07 9.75
N THR A 547 -2.92 33.22 10.25
CA THR A 547 -2.67 34.51 9.63
C THR A 547 -2.80 35.57 10.72
N ILE A 548 -2.55 36.83 10.35
CA ILE A 548 -2.79 37.97 11.22
C ILE A 548 -3.94 38.76 10.62
N PRO A 549 -4.99 39.05 11.37
CA PRO A 549 -6.17 39.71 10.77
C PRO A 549 -5.80 41.06 10.18
N GLY A 550 -6.39 41.36 9.03
CA GLY A 550 -6.17 42.62 8.33
C GLY A 550 -4.70 42.99 8.20
N ALA A 551 -3.87 42.05 7.78
CA ALA A 551 -2.44 42.25 7.73
C ALA A 551 -1.90 41.94 6.34
N ASP A 552 -0.73 42.48 6.05
CA ASP A 552 -0.04 42.22 4.80
C ASP A 552 0.31 40.74 4.66
N ALA A 553 0.73 40.38 3.44
CA ALA A 553 1.31 39.06 3.22
C ALA A 553 2.76 39.03 3.67
N GLU A 554 3.51 40.08 3.33
CA GLU A 554 4.89 40.23 3.77
C GLU A 554 4.97 40.36 5.29
N THR A 555 3.96 40.98 5.90
CA THR A 555 3.90 41.03 7.36
C THR A 555 3.64 39.64 7.94
N VAL A 556 2.71 38.89 7.35
CA VAL A 556 2.44 37.52 7.81
C VAL A 556 3.65 36.64 7.57
N LYS A 557 4.31 36.80 6.43
CA LYS A 557 5.48 35.97 6.11
C LYS A 557 6.62 36.23 7.08
N LYS A 558 7.04 37.50 7.20
CA LYS A 558 8.21 37.81 8.02
C LYS A 558 7.95 37.51 9.49
N LYS A 559 6.78 37.91 10.00
CA LYS A 559 6.47 37.65 11.40
C LYS A 559 6.40 36.14 11.68
N ALA A 560 5.86 35.37 10.73
CA ALA A 560 5.86 33.92 10.88
C ALA A 560 7.27 33.35 10.87
N MET A 561 8.16 33.95 10.06
CA MET A 561 9.56 33.57 10.11
C MET A 561 10.15 33.87 11.48
N GLU A 562 9.72 34.96 12.11
CA GLU A 562 10.15 35.26 13.47
C GLU A 562 9.66 34.20 14.45
N PHE A 563 8.35 33.92 14.43
CA PHE A 563 7.79 32.96 15.37
C PHE A 563 8.45 31.59 15.25
N LEU A 564 8.88 31.21 14.04
CA LEU A 564 9.58 29.94 13.88
C LEU A 564 10.89 29.92 14.66
N LYS A 565 11.66 31.01 14.59
CA LYS A 565 12.87 31.11 15.37
C LYS A 565 12.58 31.06 16.86
N TYR A 566 11.58 31.82 17.31
CA TYR A 566 11.24 31.83 18.73
C TYR A 566 10.83 30.44 19.21
N ILE A 567 9.96 29.78 18.45
CA ILE A 567 9.36 28.54 18.94
C ILE A 567 10.34 27.37 18.88
N ASN A 568 11.26 27.38 17.92
CA ASN A 568 12.21 26.27 17.79
C ASN A 568 13.28 26.28 18.87
N ALA A 569 13.57 27.45 19.46
CA ALA A 569 14.44 27.45 20.63
C ALA A 569 13.72 26.92 21.86
N LYS A 570 12.40 27.12 21.93
CA LYS A 570 11.62 26.60 23.04
C LYS A 570 11.36 25.12 22.89
N LEU A 571 11.35 24.60 21.66
CA LEU A 571 11.03 23.20 21.41
C LEU A 571 12.23 22.32 21.76
N PRO A 572 12.03 21.24 22.51
CA PRO A 572 13.16 20.41 22.93
C PRO A 572 13.64 19.50 21.80
N GLY A 573 14.82 18.92 22.00
CA GLY A 573 15.40 17.92 21.13
C GLY A 573 15.16 18.04 19.65
N ALA A 574 14.65 16.96 19.03
CA ALA A 574 14.50 16.91 17.58
C ALA A 574 13.18 17.50 17.09
N LEU A 575 12.36 18.07 17.98
CA LEU A 575 11.14 18.70 17.51
C LEU A 575 11.45 20.01 16.80
N GLU A 576 10.68 20.28 15.74
CA GLU A 576 11.01 21.39 14.85
C GLU A 576 9.78 21.79 14.07
N LEU A 577 9.29 23.00 14.32
CA LEU A 577 8.21 23.59 13.54
C LEU A 577 8.82 24.30 12.34
N GLU A 578 8.35 23.97 11.14
CA GLU A 578 8.92 24.53 9.93
C GLU A 578 7.86 25.23 9.09
N TYR A 579 8.34 25.93 8.07
CA TYR A 579 7.54 26.79 7.21
C TYR A 579 7.19 25.99 5.96
N GLU A 580 6.01 25.37 5.97
CA GLU A 580 5.64 24.49 4.86
C GLU A 580 5.25 25.29 3.61
N GLY A 581 4.60 26.44 3.79
CA GLY A 581 4.22 27.21 2.63
C GLY A 581 3.27 28.36 2.90
N PHE A 582 3.21 29.29 1.95
CA PHE A 582 2.29 30.43 1.99
C PHE A 582 1.28 30.31 0.87
N TYR A 583 0.05 30.70 1.15
CA TYR A 583 -1.04 30.60 0.19
C TYR A 583 -1.83 31.90 0.19
N LYS A 584 -2.14 32.40 -1.00
CA LYS A 584 -2.85 33.68 -1.12
C LYS A 584 -4.22 33.63 -0.45
N ARG A 585 -4.94 32.51 -0.58
CA ARG A 585 -6.27 32.39 0.02
C ARG A 585 -6.53 30.95 0.40
N GLY A 586 -7.61 30.74 1.13
CA GLY A 586 -8.03 29.41 1.55
C GLY A 586 -9.45 29.38 2.07
N PHE A 587 -10.24 28.42 1.62
CA PHE A 587 -11.58 28.20 2.13
C PHE A 587 -11.57 26.96 3.01
N PHE A 588 -12.15 27.07 4.20
CA PHE A 588 -12.17 25.99 5.17
C PHE A 588 -13.61 25.66 5.49
N VAL A 589 -14.01 24.42 5.20
CA VAL A 589 -15.40 24.01 5.31
C VAL A 589 -15.65 23.38 6.66
N THR A 590 -15.11 22.19 6.88
CA THR A 590 -15.27 21.47 8.13
C THR A 590 -13.93 20.87 8.52
N LYS A 591 -13.92 20.14 9.62
CA LYS A 591 -12.75 19.36 10.00
C LYS A 591 -12.41 18.38 8.88
N LYS A 592 -11.18 18.49 8.37
CA LYS A 592 -10.59 17.64 7.33
C LYS A 592 -11.02 18.04 5.92
N LYS A 593 -11.57 19.24 5.72
CA LYS A 593 -12.05 19.64 4.40
C LYS A 593 -11.70 21.11 4.16
N TYR A 594 -10.70 21.35 3.31
CA TYR A 594 -10.29 22.70 2.96
C TYR A 594 -9.63 22.68 1.59
N ALA A 595 -9.26 23.87 1.11
CA ALA A 595 -8.59 24.01 -0.17
C ALA A 595 -7.90 25.37 -0.22
N VAL A 596 -6.61 25.36 -0.56
CA VAL A 596 -5.79 26.57 -0.54
C VAL A 596 -5.16 26.78 -1.92
N ILE A 597 -4.69 28.00 -2.15
CA ILE A 597 -4.21 28.44 -3.46
C ILE A 597 -2.84 29.08 -3.31
N ASP A 598 -1.88 28.59 -4.09
CA ASP A 598 -0.53 29.16 -4.10
C ASP A 598 -0.55 30.59 -4.63
N GLU A 599 0.55 31.30 -4.37
CA GLU A 599 0.75 32.56 -5.08
C GLU A 599 1.21 32.35 -6.51
N GLU A 600 1.67 31.14 -6.84
CA GLU A 600 1.91 30.78 -8.23
C GLU A 600 0.62 30.42 -8.96
N GLY A 601 -0.40 29.96 -8.22
CA GLY A 601 -1.69 29.63 -8.81
C GLY A 601 -2.14 28.20 -8.63
N LYS A 602 -1.39 27.33 -7.93
CA LYS A 602 -1.82 25.95 -7.76
C LYS A 602 -2.79 25.83 -6.59
N ILE A 603 -3.91 25.13 -6.81
CA ILE A 603 -4.84 24.81 -5.75
C ILE A 603 -4.48 23.45 -5.16
N THR A 604 -4.60 23.34 -3.84
CA THR A 604 -4.46 22.08 -3.11
C THR A 604 -5.78 21.81 -2.40
N THR A 605 -6.37 20.65 -2.63
CA THR A 605 -7.66 20.29 -2.06
C THR A 605 -7.51 19.08 -1.15
N ARG A 606 -8.22 19.11 -0.02
CA ARG A 606 -8.11 18.08 1.00
C ARG A 606 -9.50 17.67 1.47
N GLY A 607 -9.80 16.38 1.36
CA GLY A 607 -10.98 15.82 2.01
C GLY A 607 -12.32 16.16 1.38
N LEU A 608 -12.39 17.28 0.66
CA LEU A 608 -13.61 17.66 -0.02
C LEU A 608 -14.00 16.61 -1.06
N GLU A 609 -15.20 16.78 -1.60
CA GLU A 609 -15.74 15.80 -2.55
C GLU A 609 -14.86 15.65 -3.78
N ILE A 610 -14.11 16.70 -4.14
CA ILE A 610 -13.24 16.67 -5.32
C ILE A 610 -12.26 15.50 -5.25
N VAL A 611 -11.87 15.09 -4.05
CA VAL A 611 -10.86 14.06 -3.88
C VAL A 611 -11.47 12.70 -3.55
N ARG A 612 -12.80 12.60 -3.52
CA ARG A 612 -13.49 11.39 -3.09
C ARG A 612 -13.86 10.52 -4.28
N ARG A 613 -13.51 9.23 -4.21
CA ARG A 613 -13.87 8.31 -5.28
C ARG A 613 -15.37 8.10 -5.36
N ASP A 614 -16.05 8.06 -4.21
CA ASP A 614 -17.48 7.73 -4.15
C ASP A 614 -18.41 8.91 -4.47
N TRP A 615 -17.96 9.91 -5.22
CA TRP A 615 -18.81 11.01 -5.63
C TRP A 615 -18.84 11.12 -7.14
N SER A 616 -19.98 11.51 -7.69
CA SER A 616 -20.13 11.64 -9.13
C SER A 616 -19.10 12.61 -9.69
N GLU A 617 -18.65 12.34 -10.92
CA GLU A 617 -17.70 13.23 -11.56
C GLU A 617 -18.30 14.61 -11.84
N ILE A 618 -19.60 14.69 -12.09
CA ILE A 618 -20.21 16.00 -12.37
C ILE A 618 -20.19 16.86 -11.12
N ALA A 619 -20.37 16.27 -9.94
CA ALA A 619 -20.33 17.03 -8.70
C ALA A 619 -18.91 17.47 -8.38
N LYS A 620 -17.95 16.56 -8.54
CA LYS A 620 -16.56 16.89 -8.28
C LYS A 620 -16.05 17.93 -9.28
N GLU A 621 -16.38 17.74 -10.56
CA GLU A 621 -16.06 18.73 -11.58
C GLU A 621 -16.61 20.09 -11.18
N THR A 622 -17.91 20.16 -10.87
CA THR A 622 -18.56 21.45 -10.63
C THR A 622 -18.05 22.11 -9.35
N GLN A 623 -17.87 21.33 -8.29
CA GLN A 623 -17.31 21.90 -7.07
C GLN A 623 -15.92 22.46 -7.32
N ALA A 624 -15.09 21.73 -8.06
CA ALA A 624 -13.76 22.22 -8.42
C ALA A 624 -13.85 23.58 -9.11
N ARG A 625 -14.74 23.71 -10.09
CA ARG A 625 -14.89 24.98 -10.80
C ARG A 625 -15.32 26.09 -9.84
N VAL A 626 -16.16 25.76 -8.87
CA VAL A 626 -16.58 26.76 -7.88
C VAL A 626 -15.41 27.13 -6.96
N LEU A 627 -14.53 26.18 -6.67
CA LEU A 627 -13.34 26.48 -5.88
C LEU A 627 -12.43 27.44 -6.62
N GLU A 628 -12.07 27.10 -7.86
CA GLU A 628 -11.24 27.98 -8.67
C GLU A 628 -11.84 29.37 -8.79
N ALA A 629 -13.15 29.44 -9.04
CA ALA A 629 -13.82 30.72 -9.18
C ALA A 629 -13.68 31.60 -7.96
N LEU A 630 -13.43 31.01 -6.78
CA LEU A 630 -13.27 31.75 -5.54
C LEU A 630 -11.80 31.92 -5.16
N LEU A 631 -11.08 30.80 -5.01
CA LEU A 631 -9.68 30.87 -4.58
C LEU A 631 -8.83 31.66 -5.56
N LYS A 632 -9.11 31.55 -6.85
CA LYS A 632 -8.28 32.19 -7.86
C LYS A 632 -8.67 33.65 -8.11
N ASP A 633 -9.98 33.96 -8.06
CA ASP A 633 -10.46 35.27 -8.47
C ASP A 633 -11.46 35.92 -7.52
N GLY A 634 -11.90 35.23 -6.48
CA GLY A 634 -12.90 35.80 -5.59
C GLY A 634 -14.20 36.11 -6.29
N ASP A 635 -14.52 35.37 -7.35
CA ASP A 635 -15.66 35.67 -8.21
C ASP A 635 -16.87 34.89 -7.70
N VAL A 636 -17.48 35.43 -6.65
CA VAL A 636 -18.63 34.78 -6.03
C VAL A 636 -19.78 34.67 -7.00
N GLU A 637 -19.86 35.59 -7.97
CA GLU A 637 -20.92 35.54 -8.96
C GLU A 637 -20.59 34.66 -10.16
N LYS A 638 -19.32 34.34 -10.39
CA LYS A 638 -19.01 33.32 -11.38
C LYS A 638 -19.33 31.93 -10.84
N ALA A 639 -19.12 31.73 -9.54
CA ALA A 639 -19.40 30.44 -8.92
C ALA A 639 -20.89 30.10 -9.02
N VAL A 640 -21.76 31.06 -8.72
CA VAL A 640 -23.19 30.80 -8.82
C VAL A 640 -23.61 30.62 -10.28
N ARG A 641 -22.92 31.28 -11.21
CA ARG A 641 -23.17 31.04 -12.62
C ARG A 641 -22.85 29.61 -12.99
N ILE A 642 -21.72 29.09 -12.49
CA ILE A 642 -21.34 27.71 -12.78
C ILE A 642 -22.43 26.75 -12.32
N VAL A 643 -22.92 26.93 -11.10
CA VAL A 643 -23.89 25.99 -10.54
C VAL A 643 -25.20 26.05 -11.32
N LYS A 644 -25.69 27.27 -11.61
CA LYS A 644 -26.93 27.41 -12.37
C LYS A 644 -26.79 26.82 -13.76
N GLU A 645 -25.62 26.99 -14.40
CA GLU A 645 -25.38 26.37 -15.69
C GLU A 645 -25.44 24.85 -15.59
N VAL A 646 -24.79 24.29 -14.57
CA VAL A 646 -24.66 22.85 -14.45
C VAL A 646 -26.01 22.21 -14.15
N THR A 647 -26.75 22.77 -13.20
CA THR A 647 -28.06 22.22 -12.88
C THR A 647 -29.00 22.29 -14.08
N GLU A 648 -28.89 23.37 -14.87
CA GLU A 648 -29.70 23.46 -16.08
C GLU A 648 -29.32 22.39 -17.08
N LYS A 649 -28.03 22.08 -17.19
CA LYS A 649 -27.59 21.01 -18.09
C LYS A 649 -28.15 19.66 -17.66
N LEU A 650 -28.06 19.36 -16.36
CA LEU A 650 -28.55 18.08 -15.84
C LEU A 650 -30.06 17.95 -16.03
N SER A 651 -30.81 19.02 -15.76
CA SER A 651 -32.26 18.94 -15.88
C SER A 651 -32.70 18.72 -17.32
N LYS A 652 -31.88 19.13 -18.28
CA LYS A 652 -32.12 18.87 -19.69
C LYS A 652 -31.47 17.58 -20.17
N TYR A 653 -30.95 16.77 -19.23
CA TYR A 653 -30.28 15.51 -19.53
C TYR A 653 -29.17 15.70 -20.57
N GLU A 654 -28.53 16.87 -20.55
CA GLU A 654 -27.48 17.19 -21.50
C GLU A 654 -26.09 16.81 -21.01
N VAL A 655 -25.97 16.36 -19.77
CA VAL A 655 -24.66 16.02 -19.21
C VAL A 655 -24.33 14.58 -19.60
N PRO A 656 -23.11 14.32 -20.06
CA PRO A 656 -22.70 12.95 -20.38
C PRO A 656 -22.93 12.02 -19.20
N PRO A 657 -23.61 10.89 -19.42
CA PRO A 657 -23.83 9.93 -18.32
C PRO A 657 -22.56 9.40 -17.70
N GLU A 658 -21.43 9.45 -18.40
CA GLU A 658 -20.18 8.99 -17.83
C GLU A 658 -19.79 9.78 -16.57
N LYS A 659 -20.24 11.03 -16.48
CA LYS A 659 -19.92 11.87 -15.33
C LYS A 659 -20.79 11.60 -14.11
N LEU A 660 -21.76 10.69 -14.21
CA LEU A 660 -22.70 10.44 -13.11
C LEU A 660 -22.46 9.09 -12.44
N VAL A 661 -21.28 8.52 -12.58
CA VAL A 661 -21.00 7.19 -12.05
C VAL A 661 -20.42 7.32 -10.65
N ILE A 662 -20.90 6.47 -9.74
CA ILE A 662 -20.48 6.45 -8.34
C ILE A 662 -19.72 5.16 -8.09
N HIS A 663 -18.51 5.26 -7.55
CA HIS A 663 -17.66 4.11 -7.29
C HIS A 663 -17.57 3.88 -5.79
N LYS A 664 -17.99 2.70 -5.35
CA LYS A 664 -17.88 2.30 -3.94
C LYS A 664 -17.33 0.89 -3.86
N GLN A 665 -16.39 0.68 -2.95
CA GLN A 665 -15.78 -0.62 -2.76
C GLN A 665 -16.68 -1.54 -1.95
N ILE A 666 -16.56 -2.83 -2.22
CA ILE A 666 -17.07 -3.87 -1.32
C ILE A 666 -15.95 -4.24 -0.37
N THR A 667 -16.28 -4.39 0.91
CA THR A 667 -15.27 -4.62 1.94
C THR A 667 -15.38 -5.98 2.61
N ARG A 668 -16.43 -6.75 2.36
CA ARG A 668 -16.67 -7.98 3.10
C ARG A 668 -17.48 -8.94 2.27
N ASP A 669 -17.70 -10.12 2.83
CA ASP A 669 -18.67 -11.05 2.26
C ASP A 669 -20.04 -10.41 2.29
N LEU A 670 -20.76 -10.49 1.16
CA LEU A 670 -22.11 -9.91 1.11
C LEU A 670 -23.03 -10.60 2.09
N LYS A 671 -22.75 -11.86 2.41
CA LYS A 671 -23.41 -12.55 3.52
C LYS A 671 -23.39 -11.73 4.80
N ASP A 672 -22.33 -10.94 5.01
CA ASP A 672 -22.07 -10.31 6.29
C ASP A 672 -22.47 -8.83 6.34
N TYR A 673 -23.15 -8.32 5.32
CA TYR A 673 -23.59 -6.93 5.36
C TYR A 673 -24.84 -6.81 6.23
N LYS A 674 -24.78 -5.91 7.20
CA LYS A 674 -25.94 -5.60 8.04
C LYS A 674 -26.79 -4.49 7.47
N ALA A 675 -26.19 -3.56 6.71
CA ALA A 675 -26.92 -2.48 6.08
C ALA A 675 -26.57 -2.47 4.59
N THR A 676 -27.59 -2.44 3.74
CA THR A 676 -27.41 -2.53 2.30
C THR A 676 -27.63 -1.17 1.68
N GLY A 677 -26.54 -0.44 1.44
CA GLY A 677 -26.60 0.76 0.65
C GLY A 677 -26.77 0.44 -0.82
N PRO A 678 -26.88 1.47 -1.65
CA PRO A 678 -27.05 1.24 -3.09
C PRO A 678 -25.95 0.40 -3.74
N HIS A 679 -24.68 0.60 -3.36
CA HIS A 679 -23.62 -0.14 -4.04
C HIS A 679 -23.66 -1.63 -3.68
N VAL A 680 -24.13 -1.97 -2.49
CA VAL A 680 -24.31 -3.38 -2.13
C VAL A 680 -25.70 -3.88 -2.47
N ALA A 681 -26.63 -2.99 -2.83
CA ALA A 681 -27.86 -3.44 -3.47
C ALA A 681 -27.59 -3.83 -4.92
N VAL A 682 -26.72 -3.07 -5.59
CA VAL A 682 -26.24 -3.45 -6.92
C VAL A 682 -25.48 -4.76 -6.83
N ALA A 683 -24.56 -4.85 -5.86
CA ALA A 683 -23.71 -6.04 -5.76
C ALA A 683 -24.54 -7.29 -5.53
N LYS A 684 -25.46 -7.26 -4.56
CA LYS A 684 -26.28 -8.43 -4.30
C LYS A 684 -27.04 -8.88 -5.54
N ARG A 685 -27.43 -7.93 -6.40
CA ARG A 685 -28.09 -8.31 -7.64
C ARG A 685 -27.11 -8.86 -8.66
N LEU A 686 -25.85 -8.40 -8.63
CA LEU A 686 -24.84 -8.91 -9.56
C LEU A 686 -24.48 -10.35 -9.23
N ALA A 687 -24.18 -10.63 -7.96
CA ALA A 687 -23.88 -11.99 -7.54
C ALA A 687 -25.04 -12.93 -7.82
N ALA A 688 -26.28 -12.43 -7.74
CA ALA A 688 -27.43 -13.26 -8.05
C ALA A 688 -27.44 -13.71 -9.51
N ARG A 689 -26.74 -13.01 -10.39
CA ARG A 689 -26.51 -13.45 -11.77
C ARG A 689 -25.12 -14.04 -11.96
N GLY A 690 -24.56 -14.64 -10.92
CA GLY A 690 -23.26 -15.28 -11.03
C GLY A 690 -22.12 -14.37 -11.42
N VAL A 691 -21.88 -13.32 -10.64
CA VAL A 691 -20.68 -12.51 -10.75
C VAL A 691 -19.91 -12.63 -9.45
N LYS A 692 -18.59 -12.69 -9.55
CA LYS A 692 -17.73 -12.82 -8.37
C LYS A 692 -17.61 -11.47 -7.69
N ILE A 693 -18.23 -11.34 -6.53
CA ILE A 693 -18.15 -10.13 -5.74
C ILE A 693 -17.41 -10.48 -4.47
N ARG A 694 -16.13 -10.15 -4.46
CA ARG A 694 -15.22 -10.35 -3.35
C ARG A 694 -14.86 -9.00 -2.74
N PRO A 695 -14.35 -8.99 -1.52
CA PRO A 695 -13.74 -7.76 -0.99
C PRO A 695 -12.72 -7.20 -1.98
N GLY A 696 -12.80 -5.89 -2.20
CA GLY A 696 -11.98 -5.21 -3.18
C GLY A 696 -12.71 -4.81 -4.44
N THR A 697 -13.87 -5.40 -4.70
CA THR A 697 -14.62 -5.09 -5.91
C THR A 697 -15.08 -3.64 -5.88
N VAL A 698 -14.83 -2.92 -6.98
CA VAL A 698 -15.21 -1.52 -7.10
C VAL A 698 -16.51 -1.49 -7.90
N ILE A 699 -17.63 -1.47 -7.17
CA ILE A 699 -18.92 -1.25 -7.80
C ILE A 699 -18.94 0.13 -8.45
N SER A 700 -19.50 0.20 -9.66
CA SER A 700 -19.60 1.46 -10.40
C SER A 700 -21.00 1.52 -10.99
N TYR A 701 -21.87 2.31 -10.36
CA TYR A 701 -23.28 2.35 -10.71
C TYR A 701 -23.72 3.76 -11.09
N ILE A 702 -24.87 3.82 -11.76
CA ILE A 702 -25.55 5.06 -12.10
C ILE A 702 -26.98 4.95 -11.56
N VAL A 703 -27.60 6.10 -11.35
CA VAL A 703 -28.94 6.19 -10.79
C VAL A 703 -29.91 6.59 -11.90
N LEU A 704 -30.84 5.70 -12.23
CA LEU A 704 -31.80 5.95 -13.30
C LEU A 704 -33.04 6.63 -12.76
N LYS A 705 -33.73 7.35 -13.65
CA LYS A 705 -34.94 8.08 -13.30
C LYS A 705 -35.97 7.14 -12.67
N GLY A 706 -36.64 7.64 -11.64
CA GLY A 706 -37.63 6.86 -10.91
C GLY A 706 -37.84 7.44 -9.54
N SER A 707 -38.41 6.61 -8.66
CA SER A 707 -38.76 7.03 -7.31
C SER A 707 -38.43 5.91 -6.33
N GLY A 708 -38.33 6.29 -5.06
CA GLY A 708 -38.10 5.33 -4.00
C GLY A 708 -36.64 5.11 -3.65
N ARG A 709 -36.32 3.91 -3.18
CA ARG A 709 -34.97 3.60 -2.74
C ARG A 709 -33.98 3.79 -3.88
N ILE A 710 -32.85 4.44 -3.56
CA ILE A 710 -31.81 4.67 -4.56
C ILE A 710 -31.24 3.35 -5.07
N GLY A 711 -31.06 2.38 -4.17
CA GLY A 711 -30.50 1.11 -4.58
C GLY A 711 -31.40 0.33 -5.53
N ASP A 712 -32.72 0.45 -5.35
CA ASP A 712 -33.65 -0.30 -6.19
C ASP A 712 -33.63 0.18 -7.64
N ARG A 713 -33.12 1.40 -7.92
CA ARG A 713 -33.06 1.90 -9.29
C ARG A 713 -31.66 2.33 -9.68
N ALA A 714 -30.63 1.77 -9.04
CA ALA A 714 -29.25 1.94 -9.49
C ALA A 714 -28.85 0.72 -10.30
N ILE A 715 -28.17 0.94 -11.42
CA ILE A 715 -27.71 -0.15 -12.28
C ILE A 715 -26.20 0.00 -12.46
N PRO A 716 -25.46 -1.09 -12.69
CA PRO A 716 -24.06 -0.94 -13.06
C PRO A 716 -23.92 -0.12 -14.34
N PHE A 717 -22.88 0.70 -14.39
CA PHE A 717 -22.65 1.49 -15.59
C PHE A 717 -22.21 0.62 -16.76
N ASP A 718 -21.72 -0.60 -16.48
CA ASP A 718 -21.50 -1.58 -17.54
C ASP A 718 -22.76 -1.83 -18.35
N GLU A 719 -23.93 -1.43 -17.85
CA GLU A 719 -25.21 -1.78 -18.47
C GLU A 719 -26.08 -0.55 -18.76
N PHE A 720 -25.49 0.64 -18.84
CA PHE A 720 -26.26 1.84 -19.16
C PHE A 720 -26.38 1.97 -20.68
N ASP A 721 -27.62 2.01 -21.15
CA ASP A 721 -27.92 2.14 -22.57
C ASP A 721 -28.65 3.47 -22.77
N PRO A 722 -27.98 4.49 -23.33
CA PRO A 722 -28.65 5.80 -23.48
C PRO A 722 -29.90 5.80 -24.35
N THR A 723 -30.19 4.72 -25.08
CA THR A 723 -31.45 4.59 -25.79
C THR A 723 -32.53 3.90 -24.97
N LYS A 724 -32.16 3.26 -23.86
CA LYS A 724 -33.07 2.49 -23.03
C LYS A 724 -33.13 2.97 -21.59
N HIS A 725 -32.42 4.03 -21.25
CA HIS A 725 -32.33 4.47 -19.86
C HIS A 725 -32.26 5.99 -19.79
N ARG A 726 -32.90 6.55 -18.77
CA ARG A 726 -32.74 7.95 -18.40
C ARG A 726 -32.17 7.98 -16.98
N TYR A 727 -31.05 8.67 -16.79
CA TYR A 727 -30.55 8.81 -15.45
C TYR A 727 -31.40 9.80 -14.67
N ASP A 728 -31.31 9.72 -13.34
CA ASP A 728 -32.16 10.53 -12.48
C ASP A 728 -31.51 11.89 -12.30
N ALA A 729 -31.90 12.83 -13.16
CA ALA A 729 -31.39 14.20 -13.07
C ALA A 729 -31.70 14.80 -11.70
N GLU A 730 -32.90 14.52 -11.18
CA GLU A 730 -33.30 15.08 -9.89
C GLU A 730 -32.35 14.63 -8.79
N TYR A 731 -31.91 13.38 -8.84
CA TYR A 731 -30.96 12.88 -7.85
C TYR A 731 -29.62 13.59 -7.96
N TYR A 732 -29.07 13.68 -9.18
CA TYR A 732 -27.73 14.23 -9.33
C TYR A 732 -27.71 15.74 -9.13
N ILE A 733 -28.83 16.42 -9.38
CA ILE A 733 -28.92 17.84 -9.04
C ILE A 733 -29.03 18.02 -7.53
N GLU A 734 -30.01 17.35 -6.92
CA GLU A 734 -30.41 17.65 -5.55
C GLU A 734 -29.62 16.88 -4.49
N LYS A 735 -29.03 15.73 -4.85
CA LYS A 735 -28.33 14.89 -3.88
C LYS A 735 -26.86 14.72 -4.19
N GLN A 736 -26.34 15.40 -5.21
CA GLN A 736 -24.90 15.33 -5.50
C GLN A 736 -24.30 16.71 -5.72
N VAL A 737 -24.80 17.43 -6.73
CA VAL A 737 -24.15 18.67 -7.14
C VAL A 737 -24.48 19.80 -6.18
N LEU A 738 -25.76 20.06 -5.94
CA LEU A 738 -26.14 21.14 -5.03
C LEU A 738 -25.56 20.95 -3.63
N PRO A 739 -25.72 19.81 -2.96
CA PRO A 739 -25.18 19.69 -1.59
C PRO A 739 -23.68 19.91 -1.48
N ALA A 740 -22.92 19.66 -2.55
CA ALA A 740 -21.47 19.82 -2.53
C ALA A 740 -21.03 21.27 -2.69
N VAL A 741 -21.63 21.99 -3.65
CA VAL A 741 -21.29 23.40 -3.80
C VAL A 741 -21.94 24.24 -2.72
N GLU A 742 -23.04 23.75 -2.13
CA GLU A 742 -23.79 24.55 -1.15
C GLU A 742 -23.02 24.70 0.15
N ARG A 743 -22.35 23.63 0.60
CA ARG A 743 -21.52 23.71 1.80
C ARG A 743 -20.50 24.82 1.73
N ILE A 744 -20.18 25.28 0.52
CA ILE A 744 -19.16 26.29 0.33
C ILE A 744 -19.82 27.65 0.22
N LEU A 745 -20.81 27.75 -0.67
CA LEU A 745 -21.45 29.04 -0.93
C LEU A 745 -22.42 29.45 0.17
N ARG A 746 -22.70 28.58 1.14
CA ARG A 746 -23.48 28.99 2.30
C ARG A 746 -22.77 30.08 3.09
N ALA A 747 -21.44 30.10 3.05
CA ALA A 747 -20.67 31.13 3.74
C ALA A 747 -20.92 32.52 3.19
N PHE A 748 -21.57 32.63 2.03
CA PHE A 748 -21.89 33.93 1.43
C PHE A 748 -23.40 34.16 1.37
N GLY A 749 -24.18 33.40 2.16
CA GLY A 749 -25.61 33.59 2.25
C GLY A 749 -26.43 32.91 1.18
N TYR A 750 -25.87 31.94 0.46
CA TYR A 750 -26.57 31.30 -0.64
C TYR A 750 -27.22 30.01 -0.16
N ARG A 751 -28.54 29.94 -0.31
CA ARG A 751 -29.26 28.70 -0.12
C ARG A 751 -29.23 27.90 -1.42
N LYS A 752 -29.64 26.62 -1.34
CA LYS A 752 -29.75 25.82 -2.55
C LYS A 752 -30.72 26.43 -3.55
N GLU A 753 -31.67 27.24 -3.07
CA GLU A 753 -32.62 27.90 -3.96
C GLU A 753 -31.92 28.92 -4.84
N ASP A 754 -30.98 29.67 -4.27
CA ASP A 754 -30.23 30.68 -5.01
C ASP A 754 -29.29 30.07 -6.05
N LEU A 755 -29.22 28.75 -6.15
CA LEU A 755 -28.34 28.09 -7.09
C LEU A 755 -29.10 27.32 -8.18
N ARG A 756 -30.43 27.40 -8.17
CA ARG A 756 -31.27 26.77 -9.21
C ARG A 756 -30.91 25.31 -9.45
MG MG D . -5.42 -9.94 -17.03
MG MG E . -2.37 19.35 10.37
MG MG F . -7.03 -0.78 15.12
MG MG G . 10.67 -16.67 -1.31
MG MG H . 6.90 17.00 28.63
C1 EDO I . -0.49 21.53 3.55
O1 EDO I . -0.37 21.38 2.16
C2 EDO I . -1.51 20.55 4.07
O2 EDO I . -0.96 19.25 4.10
C1 GOL J . -20.91 7.82 12.85
O1 GOL J . -21.96 6.94 12.52
C2 GOL J . -19.58 7.10 12.77
O2 GOL J . -19.64 6.17 11.70
C3 GOL J . -18.49 8.12 12.54
O3 GOL J . -17.32 7.39 12.22
#